data_8WWJ
#
_entry.id   8WWJ
#
_cell.length_a   1.00
_cell.length_b   1.00
_cell.length_c   1.00
_cell.angle_alpha   90.00
_cell.angle_beta   90.00
_cell.angle_gamma   90.00
#
_symmetry.space_group_name_H-M   'P 1'
#
loop_
_entity.id
_entity.type
_entity.pdbx_description
1 polymer 'Guanine nucleotide-binding protein G(i) subunit alpha-1'
2 polymer 'Guanine nucleotide-binding protein G(I)/G(S)/G(T) subunit beta-1'
3 polymer 'Guanine nucleotide-binding protein G(I)/G(S)/G(O) subunit gamma-2'
4 polymer 'Antibody fragment ScFv16'
5 polymer 'Fusion protein 1,Melanin-concentrating hormone receptor 1,Fusion protein 2'
#
loop_
_entity_poly.entity_id
_entity_poly.type
_entity_poly.pdbx_seq_one_letter_code
_entity_poly.pdbx_strand_id
1 'polypeptide(L)'
;MGCTLSAEDKAAVERSKMIDRNLREDGEKAAREVKLLLLGAGESGKNTIVKQMKIIHEAGYSEEECKQYKAVVYSNTIQS
IIAIIRAMGRLKIDFGDSARADDARQLFVLAGAAEEGFMTAELAGVIKRLWKDSGVQACFNRSREYQLNDSAAYYLNDLD
RIAQPNYIPTQQDVLRTRVKTTGIVETHFTFKDLHFKMFDVGAQRSERKKWIHCFEGVTAIIFCVALSDYDLVLAEDEEM
NRMHASMKLFDSICNNKWFTDTSIILFLNKKDLFEEKIKKSPLTICYPEYAGSNTYEEAAAYIQCQFEDLNKRKDTKEIY
THFTCSTDTKNVQFVFDAVTDVIIKNNLKDCGLF
;
A
2 'polypeptide(L)'
;MHHHHHHGSSGSELDQLRQEAEQLKNQIRDARKACADATLSQITNNIDPVGRIQMRTRRTLRGHLAKIYAMHWGTDSRLL
VSASQDGKLIIWDSYTTNKVHAIPLRSSWVMTCAYAPSGNYVACGGLDNICSIYNLKTREGNVRVSRELAGHTGYLSCCR
FLDDNQIVTSSGDTTCALWDIETGQQTTTFTGHTGDVMSLSLAPDTRLFVSGACDASAKLWDVREGMCRQTFTGHESDIN
AICFFPNGNAFATGSDDATCRLFDLRADQELMTYSHDNIICGITSVSFSKSGRLLLAGYDDFNCNVWDALKADRAGVLAG
HDNRVSCLGVTDDGMAVATGSWDSFLKIWNGSSGGGGSGGGGSSGVSGWRLFKKIS
;
B
3 'polypeptide(L)' MASNNTASIAQARKLVEQLKMEANIDRIKVSKAAADLMAYCEAHAKEDPLLTPVPASENPFREKKFFCAIL C
4 'polypeptide(L)'
;DVQLVESGGGLVQPGGSRKLSCSASGFAFSSFGMHWVRQAPEKGLEWVAYISSGSGTIYYADTVKGRFTISRDDPKNTLF
LQMTSLRSEDTAMYYCVRSIYYYGSSPFDFWGQGTTLTVSSGGGGSGGGGSGGGGSDIVMTQATSSVPVTPGESVSISCR
SSKSLLHSNGNTYLYWFLQRPGQSPQLLIYRMSNLASGVPDRFSGSGSGTAFTLTISRLEAEDVGVYYCMQHLEYPLTFG
AGTKLELLEENLYFQ
;
E
5 'polypeptide(L)'
;DYKDDDDHHHHHHHHGQPGNGSAFLLAPNGSHAPDHNVTQQRDEENLYFQGVDMSVGAMKKGVGRAVGLGGGSGCQATEE
DPLPNCGACAPGQGGRRWRLPQPAWVEGSSARLWEQATGTGWMDLEASLLPTGPNASNTSDGPDNLTSAGSPPRTGSISY
INIIMPSVFGTICLLGIIGNSTVIFAVVKKSKLHWCNNVPDIFIINLSVVDLLFLLGMPFMIHQLMGNGVWHFGETMCTL
ITAMDANSQFTSTYILTAMAIDRYLATVHPISSTKFRKPSVATLVICLLWALSFISITPVWLYARLIPFPGGAVGCGIRL
PNPDTDLYWFTLYQFFLAFALPFVVITAAYVRILQRMTSSVAPASQRSIRLRTKRVTRTAIAICLVFFVCWAPYYVLQLT
QLSISRPTLTFVYLYNAAISLGYANSCLNPFVYIVLCETFRKRLVLSVKHMGSSGGGGSGGGGSSGVFTLEDFVGDWEQT
AAYNLDQVLEQGGVSSLLQNLAVSVTPIQRIVRSGENALKIDIHVIIPYEGLSADQMAQIEEVFKVVYPVDDHHFKVILP
YGTLVIDGVTPNMLNYFGRPYEGIAVFDGKKITVTGTLWNGNKIIDERLITPDGSMLFRVTINS
;
R
#
# COMPACT_ATOMS: atom_id res chain seq x y z
N THR A 4 12.76 24.36 6.84
CA THR A 4 14.23 24.41 6.83
C THR A 4 14.79 23.54 5.71
N LEU A 5 14.01 23.34 4.66
CA LEU A 5 14.40 22.54 3.52
C LEU A 5 14.86 23.44 2.38
N SER A 6 15.82 22.95 1.61
CA SER A 6 16.35 23.73 0.50
C SER A 6 15.33 23.78 -0.64
N ALA A 7 15.64 24.60 -1.65
CA ALA A 7 14.74 24.77 -2.79
C ALA A 7 14.56 23.47 -3.56
N GLU A 8 15.62 22.66 -3.64
CA GLU A 8 15.50 21.37 -4.33
C GLU A 8 14.66 20.39 -3.52
N ASP A 9 14.84 20.36 -2.20
CA ASP A 9 14.07 19.44 -1.37
C ASP A 9 12.59 19.81 -1.33
N LYS A 10 12.28 21.09 -1.41
CA LYS A 10 10.87 21.49 -1.44
C LYS A 10 10.19 20.96 -2.69
N ALA A 11 10.88 20.98 -3.82
CA ALA A 11 10.32 20.36 -5.02
C ALA A 11 10.32 18.84 -4.92
N ALA A 12 11.26 18.28 -4.17
CA ALA A 12 11.26 16.84 -3.94
C ALA A 12 10.06 16.41 -3.12
N VAL A 13 9.72 17.18 -2.09
CA VAL A 13 8.52 16.89 -1.30
C VAL A 13 7.26 17.15 -2.11
N GLU A 14 7.27 18.22 -2.90
CA GLU A 14 6.14 18.52 -3.77
C GLU A 14 5.95 17.43 -4.82
N ARG A 15 7.05 16.88 -5.33
CA ARG A 15 6.95 15.76 -6.26
C ARG A 15 6.31 14.55 -5.61
N SER A 16 6.67 14.26 -4.35
CA SER A 16 6.07 13.13 -3.65
C SER A 16 4.57 13.30 -3.49
N LYS A 17 4.12 14.51 -3.16
CA LYS A 17 2.69 14.78 -3.04
C LYS A 17 2.00 14.63 -4.38
N MET A 18 2.70 14.90 -5.47
CA MET A 18 2.13 14.66 -6.80
C MET A 18 1.95 13.17 -7.03
N ILE A 19 2.87 12.36 -6.54
CA ILE A 19 2.77 10.91 -6.67
C ILE A 19 1.62 10.37 -5.82
N ASP A 20 1.48 10.86 -4.59
CA ASP A 20 0.39 10.40 -3.72
C ASP A 20 -0.96 10.75 -4.31
N ARG A 21 -1.08 11.90 -4.95
CA ARG A 21 -2.33 12.27 -5.61
C ARG A 21 -2.68 11.29 -6.72
N ASN A 22 -1.67 10.64 -7.32
CA ASN A 22 -1.93 9.62 -8.33
C ASN A 22 -2.11 8.24 -7.74
N LEU A 23 -1.42 7.93 -6.63
CA LEU A 23 -1.63 6.64 -5.98
C LEU A 23 -2.99 6.57 -5.32
N ARG A 24 -3.41 7.64 -4.64
CA ARG A 24 -4.73 7.68 -4.05
C ARG A 24 -5.82 7.62 -5.11
N GLU A 25 -5.60 8.29 -6.24
CA GLU A 25 -6.55 8.25 -7.35
C GLU A 25 -6.73 6.83 -7.88
N ASP A 26 -5.62 6.09 -8.03
CA ASP A 26 -5.72 4.72 -8.53
C ASP A 26 -6.31 3.79 -7.48
N GLY A 27 -6.08 4.06 -6.20
CA GLY A 27 -6.66 3.23 -5.16
C GLY A 27 -8.18 3.29 -5.13
N GLU A 28 -8.73 4.48 -5.37
CA GLU A 28 -10.18 4.61 -5.45
C GLU A 28 -10.74 3.86 -6.65
N LYS A 29 -10.07 3.94 -7.80
CA LYS A 29 -10.55 3.25 -8.99
C LYS A 29 -10.43 1.73 -8.83
N ALA A 30 -9.35 1.26 -8.23
CA ALA A 30 -9.15 -0.19 -8.08
C ALA A 30 -10.07 -0.80 -7.04
N ALA A 31 -10.59 0.00 -6.10
CA ALA A 31 -11.49 -0.54 -5.09
C ALA A 31 -12.94 -0.62 -5.56
N ARG A 32 -13.29 0.05 -6.66
CA ARG A 32 -14.64 0.02 -7.19
C ARG A 32 -14.82 -1.00 -8.30
N GLU A 33 -13.78 -1.78 -8.61
CA GLU A 33 -13.86 -2.81 -9.63
C GLU A 33 -13.93 -4.18 -8.99
N VAL A 34 -14.53 -5.13 -9.71
CA VAL A 34 -14.80 -6.47 -9.20
C VAL A 34 -13.67 -7.39 -9.65
N LYS A 35 -13.05 -8.07 -8.70
CA LYS A 35 -11.98 -9.02 -8.96
C LYS A 35 -12.50 -10.43 -8.72
N LEU A 36 -12.54 -11.24 -9.77
CA LEU A 36 -13.06 -12.59 -9.72
C LEU A 36 -11.94 -13.58 -10.00
N LEU A 37 -11.80 -14.58 -9.14
CA LEU A 37 -10.84 -15.66 -9.34
C LEU A 37 -11.55 -16.83 -9.99
N LEU A 38 -11.05 -17.25 -11.15
CA LEU A 38 -11.65 -18.33 -11.91
C LEU A 38 -10.86 -19.61 -11.68
N LEU A 39 -11.55 -20.66 -11.24
CA LEU A 39 -10.94 -21.95 -11.01
C LEU A 39 -11.72 -23.02 -11.74
N GLY A 40 -11.19 -24.23 -11.73
CA GLY A 40 -11.85 -25.34 -12.40
C GLY A 40 -10.86 -26.47 -12.63
N ALA A 41 -11.35 -27.49 -13.34
CA ALA A 41 -10.56 -28.66 -13.66
C ALA A 41 -10.27 -28.69 -15.16
N GLY A 42 -9.49 -29.69 -15.58
CA GLY A 42 -9.16 -29.84 -16.98
C GLY A 42 -10.39 -30.20 -17.80
N GLU A 43 -10.61 -29.44 -18.88
CA GLU A 43 -11.77 -29.66 -19.77
C GLU A 43 -13.08 -29.61 -19.00
N SER A 44 -13.16 -28.72 -18.01
CA SER A 44 -14.36 -28.56 -17.20
C SER A 44 -15.18 -27.34 -17.59
N GLY A 45 -14.92 -26.75 -18.75
CA GLY A 45 -15.60 -25.55 -19.18
C GLY A 45 -15.02 -24.26 -18.65
N LYS A 46 -13.91 -24.32 -17.91
CA LYS A 46 -13.29 -23.10 -17.41
C LYS A 46 -12.82 -22.21 -18.54
N ASN A 47 -12.23 -22.80 -19.59
CA ASN A 47 -11.84 -22.01 -20.75
C ASN A 47 -13.05 -21.53 -21.55
N THR A 48 -14.15 -22.29 -21.51
CA THR A 48 -15.34 -21.87 -22.24
C THR A 48 -15.96 -20.63 -21.64
N ILE A 49 -15.93 -20.50 -20.30
CA ILE A 49 -16.51 -19.34 -19.64
C ILE A 49 -15.78 -18.07 -20.08
N VAL A 50 -14.45 -18.15 -20.21
CA VAL A 50 -13.68 -17.01 -20.70
C VAL A 50 -14.13 -16.63 -22.10
N LYS A 51 -14.34 -17.63 -22.97
CA LYS A 51 -14.83 -17.35 -24.31
C LYS A 51 -16.24 -16.80 -24.30
N GLN A 52 -17.03 -17.13 -23.28
CA GLN A 52 -18.37 -16.60 -23.14
C GLN A 52 -18.40 -15.23 -22.47
N MET A 53 -17.30 -14.79 -21.88
CA MET A 53 -17.23 -13.50 -21.18
C MET A 53 -16.01 -12.72 -21.63
N LYS A 54 -15.71 -12.76 -22.93
CA LYS A 54 -14.56 -12.05 -23.47
C LYS A 54 -14.80 -10.55 -23.52
N THR A 182 1.95 -17.24 -20.89
CA THR A 182 2.60 -16.83 -19.65
C THR A 182 2.16 -17.71 -18.48
N GLY A 183 2.02 -17.10 -17.31
CA GLY A 183 1.62 -17.83 -16.12
C GLY A 183 0.19 -17.61 -15.70
N ILE A 184 -0.29 -16.38 -15.76
CA ILE A 184 -1.65 -16.04 -15.37
C ILE A 184 -2.30 -15.25 -16.49
N VAL A 185 -3.56 -15.56 -16.78
CA VAL A 185 -4.34 -14.88 -17.81
C VAL A 185 -5.39 -14.04 -17.10
N GLU A 186 -5.41 -12.75 -17.41
CA GLU A 186 -6.34 -11.80 -16.82
C GLU A 186 -7.26 -11.24 -17.89
N THR A 187 -8.56 -11.30 -17.64
CA THR A 187 -9.57 -10.85 -18.60
C THR A 187 -10.44 -9.78 -17.96
N HIS A 188 -10.68 -8.70 -18.70
CA HIS A 188 -11.50 -7.59 -18.24
C HIS A 188 -12.76 -7.48 -19.09
N PHE A 189 -13.89 -7.23 -18.43
CA PHE A 189 -15.13 -6.95 -19.12
C PHE A 189 -16.02 -6.12 -18.21
N THR A 190 -16.82 -5.25 -18.81
CA THR A 190 -17.70 -4.35 -18.08
C THR A 190 -19.14 -4.66 -18.46
N PHE A 191 -20.00 -4.77 -17.46
CA PHE A 191 -21.41 -5.10 -17.67
C PHE A 191 -22.25 -4.28 -16.72
N LYS A 192 -23.09 -3.40 -17.29
CA LYS A 192 -24.01 -2.56 -16.51
C LYS A 192 -23.25 -1.69 -15.50
N ASP A 193 -22.34 -0.88 -16.02
CA ASP A 193 -21.60 0.10 -15.24
C ASP A 193 -20.84 -0.56 -14.08
N LEU A 194 -20.32 -1.76 -14.32
CA LEU A 194 -19.52 -2.47 -13.33
C LEU A 194 -18.40 -3.19 -14.05
N HIS A 195 -17.16 -2.86 -13.70
CA HIS A 195 -16.00 -3.42 -14.37
C HIS A 195 -15.53 -4.67 -13.64
N PHE A 196 -15.41 -5.76 -14.37
CA PHE A 196 -15.04 -7.06 -13.80
C PHE A 196 -13.62 -7.42 -14.21
N LYS A 197 -12.82 -7.84 -13.23
CA LYS A 197 -11.48 -8.35 -13.46
C LYS A 197 -11.52 -9.85 -13.14
N MET A 198 -11.40 -10.67 -14.17
CA MET A 198 -11.45 -12.12 -14.00
C MET A 198 -10.05 -12.67 -14.26
N PHE A 199 -9.51 -13.38 -13.26
CA PHE A 199 -8.17 -13.94 -13.32
C PHE A 199 -8.25 -15.44 -13.56
N ASP A 200 -7.59 -15.91 -14.62
CA ASP A 200 -7.52 -17.32 -14.93
C ASP A 200 -6.12 -17.82 -14.56
N VAL A 201 -6.06 -18.82 -13.70
CA VAL A 201 -4.78 -19.33 -13.21
C VAL A 201 -4.63 -20.80 -13.58
N GLY A 202 -5.19 -21.18 -14.74
CA GLY A 202 -5.07 -22.56 -15.20
C GLY A 202 -3.68 -22.95 -15.62
N ALA A 203 -2.83 -21.98 -15.95
CA ALA A 203 -1.48 -22.28 -16.42
C ALA A 203 -0.47 -22.48 -15.30
N GLN A 204 -0.84 -22.21 -14.06
CA GLN A 204 0.08 -22.37 -12.93
C GLN A 204 0.13 -23.84 -12.52
N ARG A 205 1.21 -24.52 -12.91
CA ARG A 205 1.41 -25.92 -12.58
C ARG A 205 2.16 -26.12 -11.27
N SER A 206 2.62 -25.04 -10.64
CA SER A 206 3.35 -25.12 -9.39
C SER A 206 2.39 -25.38 -8.23
N GLU A 207 2.90 -25.36 -7.00
CA GLU A 207 2.05 -25.56 -5.84
C GLU A 207 1.02 -24.45 -5.74
N ARG A 208 -0.24 -24.83 -5.55
CA ARG A 208 -1.30 -23.84 -5.46
C ARG A 208 -1.20 -23.03 -4.18
N LYS A 209 -0.79 -23.67 -3.08
CA LYS A 209 -0.81 -23.00 -1.78
C LYS A 209 0.16 -21.84 -1.69
N LYS A 210 1.13 -21.74 -2.61
CA LYS A 210 2.11 -20.66 -2.51
C LYS A 210 1.55 -19.35 -3.06
N TRP A 211 0.88 -19.39 -4.20
CA TRP A 211 0.34 -18.20 -4.83
C TRP A 211 -1.15 -18.01 -4.59
N ILE A 212 -1.81 -18.90 -3.85
CA ILE A 212 -3.24 -18.76 -3.65
C ILE A 212 -3.56 -17.56 -2.78
N HIS A 213 -2.71 -17.26 -1.79
CA HIS A 213 -2.97 -16.14 -0.90
C HIS A 213 -2.89 -14.80 -1.62
N CYS A 214 -2.31 -14.78 -2.81
CA CYS A 214 -2.26 -13.54 -3.59
C CYS A 214 -3.65 -13.08 -4.00
N PHE A 215 -4.62 -13.99 -4.03
CA PHE A 215 -5.99 -13.67 -4.38
C PHE A 215 -6.89 -13.50 -3.17
N GLU A 216 -6.32 -13.49 -1.97
CA GLU A 216 -7.11 -13.22 -0.78
C GLU A 216 -7.70 -11.82 -0.87
N GLY A 217 -9.01 -11.73 -0.93
CA GLY A 217 -9.69 -10.46 -1.08
C GLY A 217 -10.44 -10.30 -2.39
N VAL A 218 -10.49 -11.33 -3.23
CA VAL A 218 -11.26 -11.23 -4.46
C VAL A 218 -12.74 -11.14 -4.11
N THR A 219 -13.50 -10.50 -4.98
CA THR A 219 -14.93 -10.32 -4.73
C THR A 219 -15.65 -11.65 -4.66
N ALA A 220 -15.38 -12.54 -5.61
CA ALA A 220 -16.02 -13.85 -5.64
C ALA A 220 -15.12 -14.79 -6.43
N ILE A 221 -15.41 -16.08 -6.30
CA ILE A 221 -14.69 -17.14 -7.00
C ILE A 221 -15.68 -17.82 -7.94
N ILE A 222 -15.30 -17.93 -9.21
CA ILE A 222 -16.10 -18.65 -10.19
C ILE A 222 -15.49 -20.03 -10.36
N PHE A 223 -16.24 -21.06 -9.99
CA PHE A 223 -15.78 -22.44 -10.05
C PHE A 223 -16.57 -23.19 -11.11
N CYS A 224 -15.86 -23.82 -12.04
CA CYS A 224 -16.48 -24.53 -13.15
C CYS A 224 -16.38 -26.02 -12.92
N VAL A 225 -17.51 -26.71 -12.98
CA VAL A 225 -17.58 -28.17 -12.81
C VAL A 225 -18.34 -28.74 -13.99
N ALA A 226 -17.79 -29.78 -14.60
CA ALA A 226 -18.44 -30.46 -15.72
C ALA A 226 -19.34 -31.56 -15.19
N LEU A 227 -20.65 -31.39 -15.35
CA LEU A 227 -21.60 -32.40 -14.89
C LEU A 227 -21.43 -33.70 -15.67
N SER A 228 -21.18 -33.61 -16.98
CA SER A 228 -21.03 -34.80 -17.80
C SER A 228 -19.84 -35.65 -17.39
N ASP A 229 -18.87 -35.08 -16.69
CA ASP A 229 -17.68 -35.80 -16.27
C ASP A 229 -17.90 -36.51 -14.93
N TYR A 230 -18.98 -37.30 -14.85
CA TYR A 230 -19.26 -38.07 -13.66
C TYR A 230 -18.89 -39.54 -13.80
N ASP A 231 -19.04 -40.11 -15.00
CA ASP A 231 -18.65 -41.48 -15.28
C ASP A 231 -17.26 -41.58 -15.88
N LEU A 232 -16.57 -40.47 -16.07
CA LEU A 232 -15.22 -40.48 -16.63
C LEU A 232 -14.18 -40.51 -15.53
N VAL A 233 -12.95 -40.83 -15.90
CA VAL A 233 -11.84 -40.90 -14.97
C VAL A 233 -10.68 -40.08 -15.53
N LEU A 234 -9.76 -39.72 -14.64
CA LEU A 234 -8.59 -38.95 -15.04
C LEU A 234 -7.70 -39.76 -15.99
N ALA A 235 -7.14 -39.08 -16.98
CA ALA A 235 -6.29 -39.76 -17.96
C ALA A 235 -5.03 -40.30 -17.31
N GLU A 236 -4.42 -39.53 -16.40
CA GLU A 236 -3.17 -39.95 -15.78
C GLU A 236 -3.43 -40.92 -14.63
N ASP A 237 -4.33 -40.56 -13.71
CA ASP A 237 -4.59 -41.42 -12.56
C ASP A 237 -5.21 -42.75 -12.98
N GLU A 238 -6.16 -42.70 -13.92
CA GLU A 238 -6.86 -43.88 -14.43
C GLU A 238 -7.65 -44.61 -13.35
N GLU A 239 -7.69 -44.05 -12.14
CA GLU A 239 -8.45 -44.63 -11.04
C GLU A 239 -9.28 -43.63 -10.26
N MET A 240 -9.03 -42.33 -10.41
CA MET A 240 -9.80 -41.30 -9.74
C MET A 240 -10.88 -40.77 -10.67
N ASN A 241 -12.11 -40.73 -10.18
CA ASN A 241 -13.22 -40.22 -10.98
C ASN A 241 -13.05 -38.73 -11.23
N ARG A 242 -13.44 -38.27 -12.41
CA ARG A 242 -13.25 -36.86 -12.74
C ARG A 242 -14.16 -35.96 -11.90
N MET A 243 -15.37 -36.43 -11.59
CA MET A 243 -16.25 -35.66 -10.73
C MET A 243 -15.69 -35.56 -9.31
N HIS A 244 -15.14 -36.65 -8.79
CA HIS A 244 -14.56 -36.62 -7.45
C HIS A 244 -13.36 -35.70 -7.38
N ALA A 245 -12.61 -35.57 -8.47
CA ALA A 245 -11.48 -34.64 -8.50
C ALA A 245 -11.97 -33.20 -8.32
N SER A 246 -13.09 -32.86 -8.95
CA SER A 246 -13.66 -31.53 -8.78
C SER A 246 -14.12 -31.31 -7.35
N MET A 247 -14.72 -32.34 -6.73
CA MET A 247 -15.17 -32.20 -5.34
C MET A 247 -14.01 -31.95 -4.40
N LYS A 248 -12.89 -32.66 -4.60
CA LYS A 248 -11.72 -32.42 -3.78
C LYS A 248 -11.16 -31.02 -4.01
N LEU A 249 -11.13 -30.57 -5.27
CA LEU A 249 -10.66 -29.22 -5.56
C LEU A 249 -11.58 -28.16 -4.98
N PHE A 250 -12.90 -28.38 -5.09
CA PHE A 250 -13.86 -27.43 -4.50
C PHE A 250 -13.73 -27.41 -2.98
N ASP A 251 -13.56 -28.57 -2.36
CA ASP A 251 -13.39 -28.62 -0.91
C ASP A 251 -12.12 -27.91 -0.46
N SER A 252 -11.06 -27.97 -1.27
CA SER A 252 -9.81 -27.32 -0.90
C SER A 252 -9.89 -25.80 -1.05
N ILE A 253 -10.80 -25.30 -1.88
CA ILE A 253 -10.95 -23.87 -2.10
C ILE A 253 -12.05 -23.28 -1.21
N CYS A 254 -13.19 -23.97 -1.12
CA CYS A 254 -14.28 -23.47 -0.29
C CYS A 254 -13.88 -23.40 1.17
N ASN A 255 -13.18 -24.43 1.66
CA ASN A 255 -12.74 -24.51 3.04
C ASN A 255 -11.37 -23.86 3.25
N ASN A 256 -10.80 -23.26 2.22
CA ASN A 256 -9.50 -22.63 2.33
C ASN A 256 -9.54 -21.46 3.31
N LYS A 257 -8.44 -21.26 4.02
CA LYS A 257 -8.41 -20.22 5.04
C LYS A 257 -8.43 -18.82 4.44
N TRP A 258 -7.85 -18.65 3.26
CA TRP A 258 -7.82 -17.33 2.64
C TRP A 258 -9.19 -16.93 2.10
N PHE A 259 -10.04 -17.89 1.79
CA PHE A 259 -11.38 -17.62 1.25
C PHE A 259 -12.47 -17.99 2.26
N THR A 260 -12.23 -17.65 3.54
CA THR A 260 -13.21 -17.96 4.58
C THR A 260 -14.53 -17.27 4.32
N ASP A 261 -14.49 -16.00 3.92
CA ASP A 261 -15.70 -15.22 3.70
C ASP A 261 -15.83 -14.80 2.25
N THR A 262 -15.39 -15.63 1.32
CA THR A 262 -15.46 -15.35 -0.10
C THR A 262 -16.55 -16.20 -0.72
N SER A 263 -17.52 -15.55 -1.36
CA SER A 263 -18.61 -16.27 -2.01
C SER A 263 -18.08 -17.02 -3.22
N ILE A 264 -18.77 -18.11 -3.57
CA ILE A 264 -18.39 -18.95 -4.70
C ILE A 264 -19.55 -18.98 -5.68
N ILE A 265 -19.27 -18.68 -6.94
CA ILE A 265 -20.25 -18.75 -8.02
C ILE A 265 -19.99 -20.06 -8.74
N LEU A 266 -20.67 -21.12 -8.31
CA LEU A 266 -20.44 -22.46 -8.83
C LEU A 266 -21.18 -22.66 -10.15
N PHE A 267 -20.44 -22.91 -11.22
CA PHE A 267 -21.02 -23.19 -12.52
C PHE A 267 -20.95 -24.69 -12.79
N LEU A 268 -22.07 -25.25 -13.22
CA LEU A 268 -22.17 -26.67 -13.57
C LEU A 268 -22.42 -26.72 -15.07
N ASN A 269 -21.33 -26.75 -15.84
CA ASN A 269 -21.40 -26.68 -17.29
C ASN A 269 -21.75 -28.03 -17.90
N LYS A 270 -21.84 -28.04 -19.24
CA LYS A 270 -22.13 -29.26 -20.00
C LYS A 270 -23.44 -29.90 -19.55
N LYS A 271 -24.47 -29.07 -19.40
CA LYS A 271 -25.78 -29.57 -19.00
C LYS A 271 -26.36 -30.51 -20.03
N ASP A 272 -26.27 -30.15 -21.32
CA ASP A 272 -26.87 -30.97 -22.36
C ASP A 272 -26.17 -32.32 -22.47
N LEU A 273 -24.84 -32.34 -22.36
CA LEU A 273 -24.12 -33.61 -22.44
C LEU A 273 -24.39 -34.48 -21.22
N PHE A 274 -24.59 -33.87 -20.05
CA PHE A 274 -24.91 -34.64 -18.86
C PHE A 274 -26.25 -35.34 -18.99
N GLU A 275 -27.24 -34.65 -19.57
CA GLU A 275 -28.56 -35.25 -19.71
C GLU A 275 -28.53 -36.45 -20.63
N GLU A 276 -27.79 -36.37 -21.74
CA GLU A 276 -27.71 -37.49 -22.66
C GLU A 276 -27.01 -38.68 -22.03
N LYS A 277 -25.94 -38.44 -21.28
CA LYS A 277 -25.18 -39.55 -20.71
C LYS A 277 -25.92 -40.21 -19.55
N ILE A 278 -26.78 -39.47 -18.86
CA ILE A 278 -27.47 -40.05 -17.71
C ILE A 278 -28.50 -41.08 -18.14
N LYS A 279 -28.98 -41.01 -19.39
CA LYS A 279 -29.94 -41.99 -19.88
C LYS A 279 -29.32 -43.38 -19.95
N LYS A 280 -28.07 -43.47 -20.44
CA LYS A 280 -27.40 -44.75 -20.57
C LYS A 280 -26.56 -45.08 -19.33
N SER A 281 -25.75 -44.14 -18.86
CA SER A 281 -24.89 -44.37 -17.72
C SER A 281 -25.59 -43.87 -16.46
N PRO A 282 -25.93 -44.74 -15.52
CA PRO A 282 -26.59 -44.28 -14.28
C PRO A 282 -25.65 -43.46 -13.41
N LEU A 283 -26.26 -42.56 -12.63
CA LEU A 283 -25.49 -41.73 -11.70
C LEU A 283 -24.92 -42.54 -10.55
N THR A 284 -25.40 -43.76 -10.34
CA THR A 284 -24.91 -44.59 -9.24
C THR A 284 -23.44 -44.93 -9.40
N ILE A 285 -22.90 -44.88 -10.62
CA ILE A 285 -21.49 -45.16 -10.83
C ILE A 285 -20.64 -44.12 -10.10
N CYS A 286 -21.00 -42.84 -10.21
CA CYS A 286 -20.27 -41.79 -9.54
C CYS A 286 -20.61 -41.75 -8.05
N TYR A 287 -21.89 -41.73 -7.72
CA TYR A 287 -22.36 -41.70 -6.34
C TYR A 287 -23.12 -42.99 -6.04
N PRO A 288 -22.50 -43.97 -5.37
CA PRO A 288 -23.22 -45.20 -5.04
C PRO A 288 -24.42 -44.98 -4.13
N GLU A 289 -24.36 -43.97 -3.26
CA GLU A 289 -25.44 -43.70 -2.32
C GLU A 289 -26.67 -43.10 -2.99
N TYR A 290 -26.57 -42.66 -4.24
CA TYR A 290 -27.71 -42.07 -4.93
C TYR A 290 -28.78 -43.12 -5.20
N ALA A 291 -30.01 -42.82 -4.79
CA ALA A 291 -31.14 -43.73 -4.96
C ALA A 291 -32.35 -42.97 -5.47
N GLY A 292 -32.14 -42.12 -6.48
CA GLY A 292 -33.19 -41.32 -7.06
C GLY A 292 -33.50 -41.72 -8.50
N SER A 293 -34.44 -40.99 -9.08
CA SER A 293 -34.86 -41.26 -10.44
C SER A 293 -33.75 -40.96 -11.43
N ASN A 294 -33.75 -41.69 -12.54
CA ASN A 294 -32.74 -41.52 -13.58
C ASN A 294 -33.15 -40.43 -14.57
N THR A 295 -33.32 -39.22 -14.03
CA THR A 295 -33.71 -38.06 -14.82
C THR A 295 -32.82 -36.88 -14.45
N TYR A 296 -32.69 -35.95 -15.40
CA TYR A 296 -31.83 -34.78 -15.17
C TYR A 296 -32.36 -33.92 -14.03
N GLU A 297 -33.69 -33.76 -13.94
CA GLU A 297 -34.27 -32.89 -12.93
C GLU A 297 -33.97 -33.36 -11.51
N GLU A 298 -33.67 -34.64 -11.31
CA GLU A 298 -33.34 -35.16 -10.00
C GLU A 298 -31.87 -35.53 -9.84
N ALA A 299 -31.22 -35.96 -10.91
CA ALA A 299 -29.81 -36.31 -10.81
C ALA A 299 -28.94 -35.07 -10.66
N ALA A 300 -29.22 -34.02 -11.44
CA ALA A 300 -28.42 -32.80 -11.37
C ALA A 300 -28.56 -32.12 -10.01
N ALA A 301 -29.77 -32.10 -9.47
CA ALA A 301 -29.98 -31.49 -8.16
C ALA A 301 -29.21 -32.22 -7.08
N TYR A 302 -29.06 -33.54 -7.21
CA TYR A 302 -28.27 -34.30 -6.25
C TYR A 302 -26.80 -33.90 -6.32
N ILE A 303 -26.27 -33.70 -7.53
CA ILE A 303 -24.89 -33.28 -7.68
C ILE A 303 -24.69 -31.88 -7.10
N GLN A 304 -25.66 -31.00 -7.31
CA GLN A 304 -25.56 -29.64 -6.78
C GLN A 304 -25.48 -29.66 -5.26
N CYS A 305 -26.30 -30.49 -4.62
CA CYS A 305 -26.27 -30.57 -3.16
C CYS A 305 -24.96 -31.16 -2.65
N GLN A 306 -24.32 -32.04 -3.44
CA GLN A 306 -23.06 -32.62 -3.00
C GLN A 306 -21.98 -31.56 -2.87
N PHE A 307 -21.88 -30.65 -3.84
CA PHE A 307 -20.90 -29.58 -3.75
C PHE A 307 -21.24 -28.61 -2.62
N GLU A 308 -22.52 -28.25 -2.49
CA GLU A 308 -22.94 -27.36 -1.43
C GLU A 308 -22.79 -28.00 -0.06
N ASP A 309 -22.86 -29.33 0.02
CA ASP A 309 -22.64 -30.01 1.28
C ASP A 309 -21.18 -29.93 1.71
N LEU A 310 -20.26 -29.78 0.75
CA LEU A 310 -18.85 -29.63 1.05
C LEU A 310 -18.53 -28.31 1.73
N ASN A 311 -19.47 -27.37 1.76
CA ASN A 311 -19.25 -26.08 2.40
C ASN A 311 -19.06 -26.27 3.91
N LYS A 312 -17.83 -26.08 4.38
CA LYS A 312 -17.53 -26.26 5.79
C LYS A 312 -17.96 -25.08 6.64
N ARG A 313 -18.30 -23.95 6.03
CA ARG A 313 -18.71 -22.73 6.73
C ARG A 313 -19.97 -22.20 6.05
N LYS A 314 -21.12 -22.64 6.54
CA LYS A 314 -22.41 -22.26 5.97
C LYS A 314 -22.97 -20.99 6.58
N ASP A 315 -22.14 -20.21 7.27
CA ASP A 315 -22.58 -18.98 7.91
C ASP A 315 -21.99 -17.74 7.25
N THR A 316 -20.69 -17.73 6.98
CA THR A 316 -19.99 -16.57 6.48
C THR A 316 -20.01 -16.44 4.97
N LYS A 317 -20.55 -17.41 4.25
CA LYS A 317 -20.55 -17.34 2.79
C LYS A 317 -21.76 -18.08 2.23
N GLU A 318 -22.10 -17.74 1.00
CA GLU A 318 -23.14 -18.44 0.26
C GLU A 318 -22.63 -18.79 -1.11
N ILE A 319 -23.23 -19.82 -1.71
CA ILE A 319 -22.81 -20.36 -2.99
C ILE A 319 -23.94 -20.15 -3.99
N TYR A 320 -23.62 -19.52 -5.11
CA TYR A 320 -24.59 -19.27 -6.17
C TYR A 320 -24.36 -20.30 -7.27
N THR A 321 -25.26 -21.27 -7.36
CA THR A 321 -25.11 -22.37 -8.31
C THR A 321 -25.94 -22.07 -9.55
N HIS A 322 -25.33 -22.19 -10.72
CA HIS A 322 -25.98 -21.93 -11.99
C HIS A 322 -25.70 -23.08 -12.95
N PHE A 323 -26.67 -23.36 -13.81
CA PHE A 323 -26.56 -24.42 -14.81
C PHE A 323 -26.44 -23.76 -16.18
N THR A 324 -25.22 -23.77 -16.73
CA THR A 324 -24.93 -23.16 -18.01
C THR A 324 -24.97 -24.20 -19.12
N CYS A 325 -24.66 -23.76 -20.33
CA CYS A 325 -24.63 -24.64 -21.49
C CYS A 325 -23.72 -24.02 -22.54
N SER A 326 -23.49 -24.77 -23.61
CA SER A 326 -22.63 -24.28 -24.69
C SER A 326 -23.31 -23.22 -25.55
N THR A 327 -24.64 -23.11 -25.47
CA THR A 327 -25.38 -22.11 -26.23
C THR A 327 -26.13 -21.14 -25.33
N ASP A 328 -25.82 -21.13 -24.03
CA ASP A 328 -26.50 -20.24 -23.10
C ASP A 328 -26.01 -18.80 -23.30
N THR A 329 -26.88 -17.85 -22.94
CA THR A 329 -26.56 -16.44 -23.05
C THR A 329 -26.76 -15.67 -21.75
N LYS A 330 -27.18 -16.34 -20.68
CA LYS A 330 -27.40 -15.70 -19.38
C LYS A 330 -26.27 -15.99 -18.40
N ASN A 331 -25.15 -16.52 -18.87
CA ASN A 331 -24.04 -16.83 -17.98
C ASN A 331 -23.46 -15.57 -17.34
N VAL A 332 -23.28 -14.52 -18.13
CA VAL A 332 -22.76 -13.27 -17.60
C VAL A 332 -23.77 -12.61 -16.67
N GLN A 333 -25.06 -12.70 -16.99
CA GLN A 333 -26.08 -12.09 -16.15
C GLN A 333 -26.10 -12.71 -14.76
N PHE A 334 -25.90 -14.02 -14.67
CA PHE A 334 -25.87 -14.67 -13.36
C PHE A 334 -24.72 -14.15 -12.52
N VAL A 335 -23.55 -13.95 -13.14
CA VAL A 335 -22.41 -13.44 -12.39
C VAL A 335 -22.70 -12.04 -11.85
N PHE A 336 -23.30 -11.19 -12.68
CA PHE A 336 -23.59 -9.82 -12.24
C PHE A 336 -24.52 -9.81 -11.04
N ASP A 337 -25.59 -10.61 -11.09
CA ASP A 337 -26.50 -10.69 -9.95
C ASP A 337 -25.83 -11.31 -8.74
N ALA A 338 -25.02 -12.35 -8.95
CA ALA A 338 -24.29 -12.95 -7.83
C ALA A 338 -23.28 -11.98 -7.26
N VAL A 339 -22.60 -11.22 -8.11
CA VAL A 339 -21.65 -10.22 -7.64
C VAL A 339 -22.38 -9.09 -6.90
N THR A 340 -23.56 -8.71 -7.38
CA THR A 340 -24.32 -7.66 -6.71
C THR A 340 -24.65 -8.05 -5.27
N ASP A 341 -25.05 -9.30 -5.06
CA ASP A 341 -25.33 -9.76 -3.72
C ASP A 341 -24.09 -9.76 -2.84
N VAL A 342 -22.92 -10.02 -3.43
CA VAL A 342 -21.68 -9.94 -2.67
C VAL A 342 -21.39 -8.49 -2.29
N ILE A 343 -21.64 -7.56 -3.21
CA ILE A 343 -21.43 -6.14 -2.93
C ILE A 343 -22.35 -5.68 -1.80
N ILE A 344 -23.62 -6.10 -1.85
CA ILE A 344 -24.56 -5.74 -0.80
C ILE A 344 -24.12 -6.30 0.54
N LYS A 345 -23.66 -7.55 0.56
CA LYS A 345 -23.20 -8.16 1.80
C LYS A 345 -22.02 -7.41 2.39
N ASN A 346 -21.09 -6.97 1.54
CA ASN A 346 -19.96 -6.18 2.03
C ASN A 346 -20.42 -4.80 2.50
N ASN A 347 -21.39 -4.20 1.81
CA ASN A 347 -21.89 -2.91 2.25
C ASN A 347 -22.59 -3.01 3.61
N LEU A 348 -23.35 -4.09 3.82
CA LEU A 348 -23.99 -4.27 5.12
C LEU A 348 -22.96 -4.44 6.23
N LYS A 349 -21.87 -5.17 5.94
CA LYS A 349 -20.81 -5.32 6.93
C LYS A 349 -20.15 -3.98 7.24
N ASP A 350 -19.89 -3.16 6.22
CA ASP A 350 -19.27 -1.87 6.44
C ASP A 350 -20.21 -0.92 7.18
N CYS A 351 -21.47 -0.86 6.75
CA CYS A 351 -22.43 0.05 7.36
C CYS A 351 -22.84 -0.37 8.76
N GLY A 352 -22.51 -1.59 9.18
CA GLY A 352 -22.83 -2.06 10.51
C GLY A 352 -24.16 -2.75 10.65
N LEU A 353 -24.97 -2.82 9.60
CA LEU A 353 -26.25 -3.52 9.70
C LEU A 353 -26.05 -5.01 9.93
N PHE A 354 -25.10 -5.62 9.23
CA PHE A 354 -24.83 -7.04 9.37
C PHE A 354 -23.93 -7.30 10.56
N SER B 12 15.31 -53.79 -13.39
CA SER B 12 16.64 -54.30 -13.07
C SER B 12 17.66 -53.18 -13.02
N GLU B 13 17.94 -52.58 -14.17
CA GLU B 13 18.90 -51.46 -14.21
C GLU B 13 18.39 -50.27 -13.43
N LEU B 14 17.09 -49.96 -13.55
CA LEU B 14 16.52 -48.84 -12.81
C LEU B 14 16.57 -49.10 -11.32
N ASP B 15 16.25 -50.32 -10.89
CA ASP B 15 16.30 -50.66 -9.48
C ASP B 15 17.73 -50.56 -8.95
N GLN B 16 18.70 -51.02 -9.74
CA GLN B 16 20.10 -50.96 -9.32
C GLN B 16 20.56 -49.51 -9.18
N LEU B 17 20.16 -48.65 -10.11
CA LEU B 17 20.62 -47.26 -10.07
C LEU B 17 20.07 -46.52 -8.86
N ARG B 18 18.78 -46.72 -8.55
CA ARG B 18 18.21 -46.03 -7.40
C ARG B 18 18.77 -46.54 -6.08
N GLN B 19 19.32 -47.76 -6.06
CA GLN B 19 20.02 -48.22 -4.88
C GLN B 19 21.37 -47.52 -4.73
N GLU B 20 22.04 -47.23 -5.85
CA GLU B 20 23.31 -46.52 -5.79
C GLU B 20 23.13 -45.09 -5.29
N ALA B 21 22.00 -44.46 -5.61
CA ALA B 21 21.72 -43.11 -5.11
C ALA B 21 21.62 -43.11 -3.59
N GLU B 22 20.96 -44.12 -3.02
CA GLU B 22 20.85 -44.21 -1.57
C GLU B 22 22.23 -44.40 -0.94
N GLN B 23 23.09 -45.21 -1.56
CA GLN B 23 24.45 -45.37 -1.04
C GLN B 23 25.22 -44.06 -1.09
N LEU B 24 25.07 -43.29 -2.16
CA LEU B 24 25.75 -42.00 -2.24
C LEU B 24 25.23 -41.02 -1.20
N LYS B 25 23.92 -41.02 -0.97
CA LYS B 25 23.35 -40.16 0.07
C LYS B 25 23.86 -40.56 1.45
N ASN B 26 23.96 -41.86 1.72
CA ASN B 26 24.52 -42.31 2.99
C ASN B 26 25.99 -41.93 3.10
N GLN B 27 26.72 -41.99 1.99
CA GLN B 27 28.13 -41.59 2.03
C GLN B 27 28.27 -40.12 2.37
N ILE B 28 27.41 -39.27 1.80
CA ILE B 28 27.47 -37.83 2.10
C ILE B 28 27.10 -37.59 3.55
N ARG B 29 26.06 -38.25 4.05
CA ARG B 29 25.64 -38.05 5.43
C ARG B 29 26.72 -38.48 6.42
N ASP B 30 27.40 -39.59 6.13
CA ASP B 30 28.51 -40.01 6.99
C ASP B 30 29.67 -39.03 6.93
N ALA B 31 29.96 -38.48 5.75
CA ALA B 31 31.04 -37.52 5.62
C ALA B 31 30.76 -36.25 6.42
N ARG B 32 29.51 -35.76 6.36
CA ARG B 32 29.16 -34.58 7.14
C ARG B 32 29.21 -34.86 8.63
N LYS B 33 28.76 -36.05 9.06
CA LYS B 33 28.83 -36.41 10.46
C LYS B 33 30.26 -36.55 10.94
N ALA B 34 31.17 -36.96 10.06
CA ALA B 34 32.57 -37.13 10.43
C ALA B 34 33.21 -35.80 10.83
N CYS B 35 32.89 -34.73 10.12
CA CYS B 35 33.47 -33.42 10.38
C CYS B 35 32.70 -32.62 11.41
N ALA B 36 31.64 -33.19 12.01
CA ALA B 36 30.88 -32.52 13.05
C ALA B 36 31.51 -32.76 14.42
N ASP B 37 32.78 -32.37 14.53
CA ASP B 37 33.52 -32.58 15.77
C ASP B 37 32.93 -31.78 16.91
N ALA B 38 32.51 -30.54 16.65
CA ALA B 38 31.98 -29.66 17.68
C ALA B 38 30.66 -29.08 17.19
N THR B 39 30.02 -28.29 18.05
CA THR B 39 28.77 -27.61 17.74
C THR B 39 28.99 -26.11 17.77
N LEU B 40 28.29 -25.40 16.88
CA LEU B 40 28.34 -23.95 16.88
C LEU B 40 27.91 -23.36 18.23
N SER B 41 26.95 -24.01 18.89
CA SER B 41 26.55 -23.56 20.23
C SER B 41 27.70 -23.64 21.21
N GLN B 42 28.46 -24.74 21.19
CA GLN B 42 29.60 -24.87 22.09
C GLN B 42 30.68 -23.84 21.76
N ILE B 43 30.91 -23.57 20.48
CA ILE B 43 31.96 -22.63 20.09
C ILE B 43 31.63 -21.22 20.57
N THR B 44 30.37 -20.81 20.43
CA THR B 44 29.95 -19.45 20.75
C THR B 44 29.33 -19.35 22.13
N ASN B 45 29.56 -20.34 23.00
CA ASN B 45 29.03 -20.28 24.35
C ASN B 45 29.74 -19.22 25.19
N ASN B 46 31.04 -19.07 24.99
CA ASN B 46 31.83 -18.17 25.83
C ASN B 46 31.52 -16.71 25.54
N ILE B 47 31.23 -16.35 24.29
CA ILE B 47 31.05 -14.95 23.94
C ILE B 47 29.81 -14.40 24.63
N ASP B 48 29.86 -13.11 24.94
CA ASP B 48 28.74 -12.47 25.61
C ASP B 48 27.57 -12.28 24.65
N PRO B 49 26.34 -12.31 25.15
CA PRO B 49 25.18 -12.07 24.29
C PRO B 49 25.11 -10.61 23.88
N VAL B 50 24.34 -10.37 22.81
CA VAL B 50 24.15 -9.01 22.33
C VAL B 50 23.23 -8.21 23.24
N GLY B 51 22.62 -8.85 24.23
CA GLY B 51 21.66 -8.16 25.06
C GLY B 51 20.31 -8.03 24.38
N ARG B 52 19.52 -7.08 24.87
CA ARG B 52 18.23 -6.80 24.28
C ARG B 52 18.41 -5.74 23.20
N ILE B 53 17.92 -6.05 22.00
CA ILE B 53 18.00 -5.13 20.87
C ILE B 53 16.68 -4.41 20.76
N GLN B 54 16.70 -3.10 21.01
CA GLN B 54 15.50 -2.27 20.93
C GLN B 54 15.65 -1.37 19.71
N MET B 55 14.72 -1.50 18.78
CA MET B 55 14.69 -0.68 17.58
C MET B 55 13.36 0.05 17.49
N ARG B 56 13.41 1.31 17.12
CA ARG B 56 12.22 2.14 16.96
C ARG B 56 11.98 2.40 15.48
N THR B 57 10.73 2.63 15.14
CA THR B 57 10.35 2.98 13.77
C THR B 57 10.73 4.43 13.52
N ARG B 58 11.83 4.64 12.79
CA ARG B 58 12.23 6.01 12.45
C ARG B 58 11.35 6.58 11.35
N ARG B 59 10.99 5.78 10.36
CA ARG B 59 10.18 6.24 9.24
C ARG B 59 9.07 5.23 8.99
N THR B 60 7.93 5.73 8.53
CA THR B 60 6.85 4.88 8.03
C THR B 60 6.54 5.32 6.61
N LEU B 61 6.68 4.39 5.67
CA LEU B 61 6.47 4.67 4.26
C LEU B 61 5.03 4.29 3.90
N ARG B 62 4.21 5.30 3.62
CA ARG B 62 2.80 5.12 3.33
C ARG B 62 2.54 5.44 1.86
N GLY B 63 1.57 4.75 1.28
CA GLY B 63 1.24 4.98 -0.12
C GLY B 63 0.86 3.71 -0.87
N HIS B 64 1.44 2.58 -0.47
CA HIS B 64 0.96 1.30 -0.96
C HIS B 64 -0.44 1.04 -0.41
N LEU B 65 -1.36 0.60 -1.28
CA LEU B 65 -2.74 0.40 -0.89
C LEU B 65 -3.13 -1.07 -0.89
N ALA B 66 -2.17 -1.98 -0.92
CA ALA B 66 -2.43 -3.41 -0.89
C ALA B 66 -1.24 -4.08 -0.23
N LYS B 67 -1.23 -5.41 -0.20
CA LYS B 67 -0.15 -6.14 0.43
C LYS B 67 1.17 -5.85 -0.28
N ILE B 68 2.20 -5.57 0.51
CA ILE B 68 3.57 -5.45 0.01
C ILE B 68 4.21 -6.82 0.02
N TYR B 69 4.81 -7.22 -1.11
CA TYR B 69 5.40 -8.54 -1.23
C TYR B 69 6.92 -8.55 -1.25
N ALA B 70 7.57 -7.45 -1.59
CA ALA B 70 9.02 -7.46 -1.66
C ALA B 70 9.56 -6.04 -1.49
N MET B 71 10.79 -5.95 -0.99
CA MET B 71 11.53 -4.69 -0.92
C MET B 71 13.00 -5.01 -1.09
N HIS B 72 13.76 -4.01 -1.56
CA HIS B 72 15.21 -4.17 -1.67
C HIS B 72 15.89 -2.82 -1.51
N TRP B 73 16.89 -2.78 -0.63
CA TRP B 73 17.68 -1.57 -0.45
C TRP B 73 18.58 -1.35 -1.66
N GLY B 74 18.79 -0.08 -2.02
CA GLY B 74 19.87 0.27 -2.90
C GLY B 74 21.21 0.27 -2.20
N THR B 75 22.28 0.27 -3.00
CA THR B 75 23.62 0.17 -2.42
C THR B 75 24.05 1.47 -1.75
N ASP B 76 23.34 2.57 -2.00
CA ASP B 76 23.65 3.84 -1.35
C ASP B 76 23.05 3.92 0.05
N SER B 77 22.33 2.88 0.48
CA SER B 77 21.74 2.79 1.81
C SER B 77 20.70 3.86 2.07
N ARG B 78 20.22 4.52 1.02
CA ARG B 78 19.22 5.57 1.17
C ARG B 78 17.96 5.33 0.37
N LEU B 79 18.09 4.83 -0.86
CA LEU B 79 16.94 4.52 -1.69
C LEU B 79 16.56 3.06 -1.56
N LEU B 80 15.26 2.79 -1.59
CA LEU B 80 14.75 1.43 -1.58
C LEU B 80 13.55 1.36 -2.51
N VAL B 81 13.32 0.18 -3.06
CA VAL B 81 12.19 -0.10 -3.94
C VAL B 81 11.31 -1.14 -3.27
N SER B 82 10.01 -0.92 -3.30
CA SER B 82 9.06 -1.88 -2.75
C SER B 82 8.02 -2.22 -3.81
N ALA B 83 7.56 -3.46 -3.78
CA ALA B 83 6.56 -3.96 -4.70
C ALA B 83 5.31 -4.38 -3.93
N SER B 84 4.15 -3.97 -4.41
CA SER B 84 2.89 -4.36 -3.81
C SER B 84 1.95 -4.83 -4.91
N GLN B 85 0.93 -5.59 -4.52
CA GLN B 85 -0.04 -6.10 -5.47
C GLN B 85 -1.18 -5.13 -5.73
N ASP B 86 -0.98 -3.84 -5.45
CA ASP B 86 -1.80 -2.81 -6.05
C ASP B 86 -1.28 -2.40 -7.42
N GLY B 87 -0.32 -3.16 -7.96
CA GLY B 87 0.26 -2.87 -9.25
C GLY B 87 1.19 -1.68 -9.29
N LYS B 88 1.85 -1.37 -8.18
CA LYS B 88 2.72 -0.20 -8.11
C LYS B 88 4.09 -0.61 -7.57
N LEU B 89 5.13 -0.28 -8.32
CA LEU B 89 6.50 -0.29 -7.82
C LEU B 89 6.83 1.14 -7.40
N ILE B 90 7.22 1.32 -6.14
CA ILE B 90 7.51 2.64 -5.59
C ILE B 90 8.96 2.67 -5.14
N ILE B 91 9.67 3.74 -5.49
CA ILE B 91 11.03 3.98 -5.02
C ILE B 91 10.98 5.08 -3.97
N TRP B 92 11.51 4.77 -2.78
CA TRP B 92 11.41 5.65 -1.62
C TRP B 92 12.77 6.26 -1.30
N ASP B 93 12.74 7.53 -0.90
CA ASP B 93 13.88 8.14 -0.23
C ASP B 93 13.67 7.90 1.26
N SER B 94 14.42 6.94 1.81
CA SER B 94 14.15 6.51 3.17
C SER B 94 14.47 7.60 4.18
N TYR B 95 15.38 8.51 3.86
CA TYR B 95 15.72 9.56 4.81
C TYR B 95 14.55 10.52 5.02
N THR B 96 13.84 10.87 3.95
CA THR B 96 12.78 11.85 3.99
C THR B 96 11.39 11.26 3.80
N THR B 97 11.29 9.97 3.51
CA THR B 97 10.06 9.28 3.10
C THR B 97 9.48 9.82 1.80
N ASN B 98 10.23 10.63 1.06
CA ASN B 98 9.77 11.09 -0.24
C ASN B 98 9.72 9.93 -1.22
N LYS B 99 8.72 9.92 -2.08
CA LYS B 99 8.64 8.98 -3.19
C LYS B 99 9.42 9.51 -4.37
N VAL B 100 10.47 8.79 -4.78
CA VAL B 100 11.28 9.23 -5.90
C VAL B 100 10.63 8.85 -7.22
N HIS B 101 10.10 7.64 -7.31
CA HIS B 101 9.40 7.17 -8.50
C HIS B 101 8.23 6.31 -8.06
N ALA B 102 7.24 6.20 -8.94
CA ALA B 102 6.13 5.27 -8.79
C ALA B 102 5.92 4.60 -10.14
N ILE B 103 6.28 3.32 -10.23
CA ILE B 103 6.28 2.60 -11.50
C ILE B 103 5.01 1.76 -11.56
N PRO B 104 4.09 2.05 -12.48
CA PRO B 104 2.91 1.20 -12.64
C PRO B 104 3.29 -0.10 -13.34
N LEU B 105 2.92 -1.22 -12.73
CA LEU B 105 3.27 -2.53 -13.25
C LEU B 105 2.22 -3.01 -14.25
N ARG B 106 2.70 -3.63 -15.34
CA ARG B 106 1.80 -4.18 -16.33
C ARG B 106 1.00 -5.33 -15.72
N SER B 107 1.64 -6.17 -14.91
CA SER B 107 0.96 -7.22 -14.17
C SER B 107 1.03 -6.90 -12.68
N SER B 108 -0.13 -6.85 -12.04
CA SER B 108 -0.20 -6.46 -10.64
C SER B 108 0.15 -7.58 -9.67
N TRP B 109 0.32 -8.80 -10.15
CA TRP B 109 0.57 -9.94 -9.27
C TRP B 109 2.05 -10.15 -9.00
N VAL B 110 2.72 -9.08 -8.57
CA VAL B 110 4.16 -9.09 -8.37
C VAL B 110 4.48 -9.80 -7.07
N MET B 111 5.56 -10.59 -7.08
CA MET B 111 6.01 -11.33 -5.92
C MET B 111 7.41 -10.99 -5.47
N THR B 112 8.22 -10.37 -6.33
CA THR B 112 9.60 -10.06 -5.99
C THR B 112 10.00 -8.75 -6.64
N CYS B 113 11.03 -8.12 -6.07
CA CYS B 113 11.61 -6.92 -6.65
C CYS B 113 13.09 -6.88 -6.30
N ALA B 114 13.87 -6.26 -7.18
CA ALA B 114 15.32 -6.15 -7.00
C ALA B 114 15.79 -4.77 -7.40
N TYR B 115 16.78 -4.26 -6.67
CA TYR B 115 17.45 -3.01 -6.97
C TYR B 115 18.83 -3.32 -7.54
N ALA B 116 19.14 -2.76 -8.70
CA ALA B 116 20.44 -3.01 -9.31
C ALA B 116 21.53 -2.40 -8.44
N PRO B 117 22.69 -3.05 -8.31
CA PRO B 117 23.76 -2.48 -7.49
C PRO B 117 24.25 -1.14 -8.00
N SER B 118 24.16 -0.89 -9.30
CA SER B 118 24.51 0.42 -9.83
C SER B 118 23.46 1.46 -9.52
N GLY B 119 22.23 1.04 -9.25
CA GLY B 119 21.14 1.96 -9.00
C GLY B 119 20.43 2.43 -10.25
N ASN B 120 20.80 1.93 -11.41
CA ASN B 120 20.21 2.37 -12.67
C ASN B 120 18.99 1.57 -13.07
N TYR B 121 18.76 0.40 -12.45
CA TYR B 121 17.69 -0.50 -12.86
C TYR B 121 16.99 -1.07 -11.65
N VAL B 122 15.71 -1.41 -11.83
CA VAL B 122 14.97 -2.23 -10.88
C VAL B 122 14.27 -3.33 -11.67
N ALA B 123 13.99 -4.42 -10.95
CA ALA B 123 13.36 -5.60 -11.55
C ALA B 123 12.23 -6.07 -10.66
N CYS B 124 11.25 -6.70 -11.28
CA CYS B 124 10.12 -7.27 -10.56
C CYS B 124 9.48 -8.35 -11.42
N GLY B 125 8.64 -9.16 -10.80
CA GLY B 125 7.91 -10.18 -11.51
C GLY B 125 7.15 -11.08 -10.58
N GLY B 126 6.06 -11.68 -11.07
CA GLY B 126 5.24 -12.53 -10.23
C GLY B 126 4.59 -13.68 -10.94
N LEU B 127 3.27 -13.81 -10.78
CA LEU B 127 2.50 -14.87 -11.40
C LEU B 127 2.46 -14.77 -12.92
N ASP B 128 2.95 -13.67 -13.50
CA ASP B 128 3.00 -13.55 -14.95
C ASP B 128 4.19 -14.26 -15.55
N ASN B 129 5.06 -14.86 -14.73
CA ASN B 129 6.22 -15.64 -15.18
C ASN B 129 7.24 -14.80 -15.93
N ILE B 130 7.27 -13.49 -15.69
CA ILE B 130 8.12 -12.56 -16.42
C ILE B 130 8.92 -11.77 -15.42
N CYS B 131 10.21 -11.55 -15.72
CA CYS B 131 11.04 -10.62 -14.97
C CYS B 131 11.20 -9.37 -15.81
N SER B 132 10.60 -8.27 -15.36
CA SER B 132 10.62 -7.01 -16.10
C SER B 132 11.71 -6.11 -15.54
N ILE B 133 12.54 -5.57 -16.43
CA ILE B 133 13.62 -4.66 -16.05
C ILE B 133 13.20 -3.24 -16.36
N TYR B 134 13.32 -2.35 -15.39
CA TYR B 134 12.92 -0.96 -15.53
C TYR B 134 14.14 -0.06 -15.42
N ASN B 135 14.29 0.85 -16.37
CA ASN B 135 15.40 1.79 -16.40
C ASN B 135 15.02 3.04 -15.62
N LEU B 136 15.79 3.36 -14.58
CA LEU B 136 15.50 4.51 -13.74
C LEU B 136 16.16 5.79 -14.23
N LYS B 137 17.18 5.69 -15.07
CA LYS B 137 17.95 6.83 -15.54
C LYS B 137 17.74 6.94 -17.04
N THR B 138 16.69 7.64 -17.44
CA THR B 138 16.41 7.87 -18.85
C THR B 138 16.42 9.36 -19.13
N ARG B 139 16.77 9.73 -20.37
CA ARG B 139 16.73 11.12 -20.77
C ARG B 139 15.30 11.66 -20.83
N GLU B 140 14.30 10.78 -20.91
CA GLU B 140 12.92 11.22 -20.95
C GLU B 140 12.36 11.55 -19.57
N GLY B 141 13.06 11.17 -18.50
CA GLY B 141 12.65 11.52 -17.17
C GLY B 141 11.63 10.60 -16.54
N ASN B 142 11.28 9.50 -17.19
CA ASN B 142 10.33 8.55 -16.64
C ASN B 142 10.96 7.16 -16.65
N VAL B 143 10.44 6.29 -15.81
CA VAL B 143 10.89 4.91 -15.78
C VAL B 143 10.15 4.13 -16.85
N ARG B 144 10.91 3.41 -17.68
CA ARG B 144 10.35 2.61 -18.74
C ARG B 144 10.88 1.18 -18.64
N VAL B 145 10.09 0.24 -19.14
CA VAL B 145 10.54 -1.15 -19.24
C VAL B 145 11.63 -1.24 -20.30
N SER B 146 12.78 -1.79 -19.92
CA SER B 146 13.87 -2.02 -20.87
C SER B 146 13.93 -3.45 -21.37
N ARG B 147 13.51 -4.41 -20.55
CA ARG B 147 13.54 -5.83 -20.92
C ARG B 147 12.43 -6.55 -20.16
N GLU B 148 11.82 -7.53 -20.82
CA GLU B 148 10.92 -8.49 -20.18
C GLU B 148 11.50 -9.87 -20.41
N LEU B 149 11.97 -10.51 -19.35
CA LEU B 149 12.66 -11.80 -19.45
C LEU B 149 11.63 -12.91 -19.34
N ALA B 150 11.29 -13.50 -20.47
CA ALA B 150 10.34 -14.61 -20.55
C ALA B 150 11.09 -15.92 -20.73
N GLY B 151 10.48 -17.00 -20.25
CA GLY B 151 11.12 -18.30 -20.31
C GLY B 151 10.83 -19.21 -19.15
N HIS B 152 10.55 -18.65 -17.98
CA HIS B 152 10.11 -19.47 -16.86
C HIS B 152 8.67 -19.92 -17.07
N THR B 153 8.38 -21.16 -16.69
CA THR B 153 7.04 -21.72 -16.80
C THR B 153 6.29 -21.74 -15.47
N GLY B 154 6.81 -21.08 -14.44
CA GLY B 154 6.12 -20.94 -13.17
C GLY B 154 6.25 -19.52 -12.67
N TYR B 155 5.63 -19.26 -11.52
CA TYR B 155 5.67 -17.91 -10.98
C TYR B 155 7.09 -17.54 -10.60
N LEU B 156 7.41 -16.25 -10.71
CA LEU B 156 8.71 -15.73 -10.35
C LEU B 156 8.74 -15.43 -8.85
N SER B 157 9.63 -16.08 -8.13
CA SER B 157 9.69 -15.92 -6.68
C SER B 157 10.78 -14.98 -6.22
N CYS B 158 11.90 -14.90 -6.92
CA CYS B 158 12.98 -13.99 -6.52
C CYS B 158 13.83 -13.65 -7.73
N CYS B 159 14.49 -12.49 -7.66
CA CYS B 159 15.37 -12.04 -8.71
C CYS B 159 16.45 -11.16 -8.08
N ARG B 160 17.68 -11.26 -8.60
CA ARG B 160 18.78 -10.46 -8.08
C ARG B 160 19.74 -10.10 -9.21
N PHE B 161 20.08 -8.82 -9.30
CA PHE B 161 21.07 -8.36 -10.26
C PHE B 161 22.47 -8.76 -9.83
N LEU B 162 23.28 -9.21 -10.79
CA LEU B 162 24.72 -9.28 -10.56
C LEU B 162 25.39 -7.99 -10.99
N ASP B 163 24.95 -7.42 -12.11
CA ASP B 163 25.40 -6.12 -12.58
C ASP B 163 24.30 -5.59 -13.49
N ASP B 164 24.62 -4.55 -14.28
CA ASP B 164 23.62 -3.95 -15.14
C ASP B 164 23.19 -4.88 -16.27
N ASN B 165 23.95 -5.94 -16.55
CA ASN B 165 23.65 -6.81 -17.67
C ASN B 165 23.24 -8.22 -17.29
N GLN B 166 23.47 -8.64 -16.04
CA GLN B 166 23.15 -9.99 -15.61
C GLN B 166 22.22 -9.96 -14.40
N ILE B 167 21.24 -10.87 -14.40
CA ILE B 167 20.32 -11.03 -13.28
C ILE B 167 19.97 -12.50 -13.15
N VAL B 168 19.83 -12.97 -11.91
CA VAL B 168 19.44 -14.34 -11.62
C VAL B 168 18.02 -14.33 -11.08
N THR B 169 17.17 -15.21 -11.62
CA THR B 169 15.78 -15.33 -11.21
C THR B 169 15.51 -16.77 -10.77
N SER B 170 14.72 -16.92 -9.72
CA SER B 170 14.20 -18.22 -9.30
C SER B 170 12.69 -18.26 -9.54
N SER B 171 12.20 -19.44 -9.93
CA SER B 171 10.80 -19.58 -10.32
C SER B 171 10.18 -20.76 -9.56
N GLY B 172 8.86 -20.82 -9.63
CA GLY B 172 8.11 -21.94 -9.11
C GLY B 172 8.09 -23.17 -9.99
N ASP B 173 8.73 -23.11 -11.16
CA ASP B 173 8.89 -24.26 -12.03
C ASP B 173 10.12 -25.09 -11.68
N THR B 174 10.63 -24.94 -10.45
CA THR B 174 11.71 -25.71 -9.84
C THR B 174 13.10 -25.36 -10.38
N THR B 175 13.22 -24.30 -11.17
CA THR B 175 14.51 -23.95 -11.76
C THR B 175 14.86 -22.50 -11.45
N CYS B 176 16.16 -22.24 -11.37
CA CYS B 176 16.71 -20.89 -11.36
C CYS B 176 17.42 -20.66 -12.68
N ALA B 177 17.49 -19.40 -13.11
CA ALA B 177 18.10 -19.08 -14.38
C ALA B 177 18.99 -17.85 -14.24
N LEU B 178 20.08 -17.83 -15.01
CA LEU B 178 20.91 -16.66 -15.16
C LEU B 178 20.63 -16.04 -16.52
N TRP B 179 20.35 -14.75 -16.54
CA TRP B 179 19.88 -14.06 -17.74
C TRP B 179 20.91 -13.04 -18.20
N ASP B 180 21.04 -12.92 -19.52
CA ASP B 180 21.74 -11.80 -20.13
C ASP B 180 20.69 -10.76 -20.52
N ILE B 181 20.69 -9.64 -19.82
CA ILE B 181 19.62 -8.66 -19.99
C ILE B 181 19.69 -8.02 -21.38
N GLU B 182 20.89 -7.80 -21.90
CA GLU B 182 21.03 -7.12 -23.18
C GLU B 182 20.40 -7.93 -24.30
N THR B 183 20.63 -9.25 -24.32
CA THR B 183 20.04 -10.11 -25.34
C THR B 183 18.69 -10.67 -24.93
N GLY B 184 18.32 -10.57 -23.65
CA GLY B 184 17.05 -11.06 -23.19
C GLY B 184 16.93 -12.56 -23.07
N GLN B 185 18.04 -13.28 -23.17
CA GLN B 185 18.07 -14.73 -23.13
C GLN B 185 18.77 -15.22 -21.88
N GLN B 186 18.32 -16.35 -21.37
CA GLN B 186 18.94 -16.96 -20.20
C GLN B 186 20.16 -17.76 -20.65
N THR B 187 21.34 -17.30 -20.25
CA THR B 187 22.57 -17.95 -20.66
C THR B 187 22.74 -19.29 -19.95
N THR B 188 22.37 -19.35 -18.68
CA THR B 188 22.51 -20.56 -17.88
C THR B 188 21.18 -20.86 -17.20
N THR B 189 20.83 -22.14 -17.14
CA THR B 189 19.66 -22.62 -16.41
C THR B 189 20.14 -23.55 -15.30
N PHE B 190 19.65 -23.31 -14.08
CA PHE B 190 20.05 -24.07 -12.91
C PHE B 190 18.92 -25.01 -12.54
N THR B 191 19.07 -26.30 -12.82
CA THR B 191 18.06 -27.30 -12.58
C THR B 191 18.52 -28.27 -11.50
N GLY B 192 17.55 -28.86 -10.81
CA GLY B 192 17.86 -29.84 -9.78
C GLY B 192 16.91 -29.82 -8.61
N HIS B 193 16.22 -28.70 -8.41
CA HIS B 193 15.18 -28.65 -7.38
C HIS B 193 13.95 -29.41 -7.86
N THR B 194 13.35 -30.16 -6.93
CA THR B 194 12.12 -30.89 -7.23
C THR B 194 10.87 -30.16 -6.79
N GLY B 195 11.01 -28.97 -6.19
CA GLY B 195 9.87 -28.16 -5.80
C GLY B 195 10.07 -26.71 -6.21
N ASP B 196 9.05 -25.91 -5.91
CA ASP B 196 9.09 -24.49 -6.25
C ASP B 196 10.19 -23.79 -5.47
N VAL B 197 11.12 -23.16 -6.19
CA VAL B 197 12.17 -22.35 -5.57
C VAL B 197 11.56 -21.02 -5.15
N MET B 198 11.68 -20.70 -3.87
CA MET B 198 11.01 -19.53 -3.33
C MET B 198 11.91 -18.32 -3.15
N SER B 199 13.23 -18.51 -3.06
CA SER B 199 14.13 -17.39 -2.82
C SER B 199 15.52 -17.75 -3.31
N LEU B 200 16.34 -16.72 -3.50
CA LEU B 200 17.76 -16.90 -3.78
C LEU B 200 18.52 -15.73 -3.18
N SER B 201 19.80 -15.97 -2.89
CA SER B 201 20.68 -14.95 -2.38
C SER B 201 22.01 -15.03 -3.11
N LEU B 202 22.55 -13.88 -3.49
CA LEU B 202 23.82 -13.81 -4.18
C LEU B 202 24.95 -13.69 -3.18
N ALA B 203 26.05 -14.39 -3.46
CA ALA B 203 27.25 -14.23 -2.65
C ALA B 203 27.84 -12.85 -2.84
N PRO B 204 28.57 -12.33 -1.85
CA PRO B 204 29.12 -10.98 -1.97
C PRO B 204 30.00 -10.79 -3.20
N ASP B 205 30.72 -11.82 -3.64
CA ASP B 205 31.52 -11.73 -4.85
C ASP B 205 30.72 -12.04 -6.11
N THR B 206 29.44 -12.39 -5.96
CA THR B 206 28.53 -12.66 -7.08
C THR B 206 29.05 -13.77 -8.00
N ARG B 207 29.85 -14.68 -7.47
CA ARG B 207 30.26 -15.87 -8.22
C ARG B 207 29.43 -17.09 -7.88
N LEU B 208 28.73 -17.09 -6.74
CA LEU B 208 27.88 -18.19 -6.34
C LEU B 208 26.56 -17.62 -5.84
N PHE B 209 25.53 -18.46 -5.84
CA PHE B 209 24.27 -18.10 -5.19
C PHE B 209 23.58 -19.35 -4.70
N VAL B 210 22.87 -19.22 -3.58
CA VAL B 210 22.08 -20.29 -2.99
C VAL B 210 20.61 -20.01 -3.26
N SER B 211 19.85 -21.09 -3.40
CA SER B 211 18.41 -20.99 -3.58
C SER B 211 17.72 -21.99 -2.68
N GLY B 212 16.58 -21.59 -2.11
CA GLY B 212 15.76 -22.45 -1.29
C GLY B 212 14.43 -22.72 -1.98
N ALA B 213 14.02 -23.99 -1.98
CA ALA B 213 12.82 -24.42 -2.68
C ALA B 213 11.83 -25.03 -1.71
N CYS B 214 10.71 -25.50 -2.26
CA CYS B 214 9.66 -26.14 -1.48
C CYS B 214 9.91 -27.62 -1.24
N ASP B 215 10.99 -28.17 -1.77
CA ASP B 215 11.42 -29.51 -1.40
C ASP B 215 12.25 -29.52 -0.12
N ALA B 216 12.19 -28.43 0.65
CA ALA B 216 12.87 -28.31 1.95
C ALA B 216 14.39 -28.46 1.82
N SER B 217 14.94 -28.09 0.68
CA SER B 217 16.38 -28.22 0.45
C SER B 217 16.92 -26.92 -0.11
N ALA B 218 18.18 -26.64 0.20
CA ALA B 218 18.90 -25.48 -0.29
C ALA B 218 20.09 -25.94 -1.10
N LYS B 219 20.22 -25.43 -2.31
CA LYS B 219 21.31 -25.81 -3.21
C LYS B 219 22.24 -24.62 -3.44
N LEU B 220 23.53 -24.89 -3.44
CA LEU B 220 24.56 -23.88 -3.74
C LEU B 220 24.96 -24.04 -5.19
N TRP B 221 24.83 -22.95 -5.96
CA TRP B 221 25.04 -22.97 -7.40
C TRP B 221 26.27 -22.15 -7.77
N ASP B 222 27.00 -22.63 -8.77
CA ASP B 222 28.08 -21.86 -9.37
C ASP B 222 27.52 -21.05 -10.53
N VAL B 223 27.69 -19.72 -10.46
CA VAL B 223 27.10 -18.86 -11.48
C VAL B 223 27.77 -19.09 -12.82
N ARG B 224 29.10 -19.10 -12.85
CA ARG B 224 29.82 -19.21 -14.12
C ARG B 224 29.70 -20.61 -14.70
N GLU B 225 29.90 -21.63 -13.88
CA GLU B 225 29.87 -23.00 -14.39
C GLU B 225 28.45 -23.46 -14.66
N GLY B 226 27.50 -23.06 -13.81
CA GLY B 226 26.11 -23.36 -14.04
C GLY B 226 25.60 -24.68 -13.49
N MET B 227 26.31 -25.29 -12.56
CA MET B 227 25.89 -26.54 -11.96
C MET B 227 25.76 -26.38 -10.46
N CYS B 228 25.09 -27.35 -9.84
CA CYS B 228 24.91 -27.33 -8.39
C CYS B 228 26.17 -27.87 -7.72
N ARG B 229 26.77 -27.06 -6.85
CA ARG B 229 27.97 -27.50 -6.14
C ARG B 229 27.61 -28.30 -4.91
N GLN B 230 26.69 -27.79 -4.09
CA GLN B 230 26.34 -28.43 -2.83
C GLN B 230 24.83 -28.35 -2.62
N THR B 231 24.30 -29.32 -1.89
CA THR B 231 22.89 -29.35 -1.52
C THR B 231 22.75 -29.43 -0.01
N PHE B 232 21.90 -28.57 0.55
CA PHE B 232 21.70 -28.47 1.99
C PHE B 232 20.27 -28.84 2.31
N THR B 233 20.10 -29.86 3.17
CA THR B 233 18.80 -30.31 3.63
C THR B 233 18.73 -30.21 5.15
N GLY B 234 17.53 -30.43 5.68
CA GLY B 234 17.31 -30.33 7.11
C GLY B 234 16.00 -29.70 7.51
N HIS B 235 15.45 -28.85 6.65
CA HIS B 235 14.13 -28.30 6.90
C HIS B 235 13.05 -29.36 6.68
N GLU B 236 11.91 -29.17 7.34
CA GLU B 236 10.80 -30.11 7.23
C GLU B 236 9.67 -29.61 6.34
N SER B 237 9.73 -28.36 5.87
CA SER B 237 8.70 -27.81 5.01
C SER B 237 9.36 -26.86 4.02
N ASP B 238 8.53 -26.21 3.20
CA ASP B 238 9.03 -25.33 2.16
C ASP B 238 9.90 -24.23 2.73
N ILE B 239 11.03 -23.97 2.07
CA ILE B 239 11.88 -22.84 2.42
C ILE B 239 11.36 -21.61 1.70
N ASN B 240 11.12 -20.53 2.46
CA ASN B 240 10.57 -19.30 1.89
C ASN B 240 11.58 -18.18 1.78
N ALA B 241 12.68 -18.23 2.53
CA ALA B 241 13.62 -17.12 2.56
C ALA B 241 15.03 -17.66 2.70
N ILE B 242 15.99 -16.90 2.20
CA ILE B 242 17.39 -17.30 2.23
C ILE B 242 18.24 -16.05 2.11
N CYS B 243 19.38 -16.05 2.80
CA CYS B 243 20.24 -14.87 2.83
C CYS B 243 21.67 -15.30 3.10
N PHE B 244 22.60 -14.78 2.31
CA PHE B 244 24.02 -15.09 2.50
C PHE B 244 24.58 -14.38 3.73
N PHE B 245 25.49 -15.07 4.42
CA PHE B 245 26.27 -14.43 5.46
C PHE B 245 27.21 -13.40 4.82
N PRO B 246 27.53 -12.32 5.53
CA PRO B 246 28.30 -11.24 4.90
C PRO B 246 29.65 -11.65 4.33
N ASN B 247 30.28 -12.71 4.85
CA ASN B 247 31.55 -13.16 4.29
C ASN B 247 31.38 -14.17 3.16
N GLY B 248 30.16 -14.62 2.90
CA GLY B 248 29.91 -15.54 1.81
C GLY B 248 30.16 -17.00 2.11
N ASN B 249 30.58 -17.33 3.33
CA ASN B 249 30.89 -18.71 3.69
C ASN B 249 29.74 -19.42 4.39
N ALA B 250 28.60 -18.75 4.54
CA ALA B 250 27.44 -19.35 5.20
C ALA B 250 26.18 -18.67 4.69
N PHE B 251 25.04 -19.29 4.97
CA PHE B 251 23.76 -18.69 4.67
C PHE B 251 22.72 -19.20 5.65
N ALA B 252 21.66 -18.42 5.82
CA ALA B 252 20.55 -18.77 6.69
C ALA B 252 19.27 -18.88 5.86
N THR B 253 18.40 -19.81 6.24
CA THR B 253 17.14 -20.03 5.56
C THR B 253 15.98 -19.86 6.54
N GLY B 254 14.81 -19.57 5.99
CA GLY B 254 13.60 -19.54 6.77
C GLY B 254 12.52 -20.35 6.08
N SER B 255 11.85 -21.21 6.82
CA SER B 255 10.91 -22.15 6.25
C SER B 255 9.53 -22.00 6.87
N ASP B 256 8.57 -22.77 6.37
CA ASP B 256 7.24 -22.80 6.94
C ASP B 256 7.14 -23.60 8.24
N ASP B 257 8.20 -24.30 8.63
CA ASP B 257 8.20 -25.05 9.87
C ASP B 257 8.59 -24.21 11.08
N ALA B 258 8.52 -22.88 10.95
CA ALA B 258 8.76 -21.95 12.06
C ALA B 258 10.20 -22.01 12.57
N THR B 259 11.14 -22.37 11.70
CA THR B 259 12.54 -22.48 12.09
C THR B 259 13.42 -21.73 11.10
N CYS B 260 14.53 -21.21 11.61
CA CYS B 260 15.61 -20.66 10.81
C CYS B 260 16.86 -21.50 11.07
N ARG B 261 17.57 -21.84 10.01
CA ARG B 261 18.76 -22.67 10.12
C ARG B 261 19.94 -21.98 9.46
N LEU B 262 21.12 -22.12 10.07
CA LEU B 262 22.35 -21.55 9.55
C LEU B 262 23.19 -22.68 8.95
N PHE B 263 23.33 -22.67 7.63
CA PHE B 263 24.14 -23.66 6.93
C PHE B 263 25.49 -23.06 6.57
N ASP B 264 26.53 -23.90 6.61
CA ASP B 264 27.88 -23.50 6.23
C ASP B 264 28.23 -24.12 4.89
N LEU B 265 28.82 -23.31 4.01
CA LEU B 265 29.19 -23.81 2.68
C LEU B 265 30.35 -24.80 2.78
N ARG B 266 31.40 -24.45 3.53
CA ARG B 266 32.60 -25.28 3.55
C ARG B 266 32.40 -26.55 4.36
N ALA B 267 31.70 -26.46 5.49
CA ALA B 267 31.36 -27.65 6.26
C ALA B 267 30.22 -28.43 5.63
N ASP B 268 29.47 -27.83 4.70
CA ASP B 268 28.44 -28.52 3.93
C ASP B 268 27.38 -29.15 4.81
N GLN B 269 26.98 -28.44 5.86
CA GLN B 269 25.95 -28.96 6.76
C GLN B 269 25.40 -27.82 7.60
N GLU B 270 24.28 -28.10 8.26
CA GLU B 270 23.65 -27.14 9.15
C GLU B 270 24.48 -26.95 10.42
N LEU B 271 24.54 -25.71 10.89
CA LEU B 271 25.27 -25.39 12.11
C LEU B 271 24.39 -25.00 13.29
N MET B 272 23.24 -24.39 13.04
CA MET B 272 22.43 -23.87 14.14
C MET B 272 21.01 -23.66 13.67
N THR B 273 20.06 -23.86 14.59
CA THR B 273 18.64 -23.66 14.33
C THR B 273 18.12 -22.53 15.21
N TYR B 274 17.32 -21.65 14.63
CA TYR B 274 16.77 -20.47 15.30
C TYR B 274 15.25 -20.62 15.34
N SER B 275 14.75 -21.17 16.44
CA SER B 275 13.31 -21.37 16.61
C SER B 275 12.92 -21.15 18.05
N HIS B 276 11.64 -20.84 18.25
CA HIS B 276 11.08 -20.65 19.58
C HIS B 276 9.77 -21.44 19.68
N ASP B 277 9.42 -21.83 20.90
CA ASP B 277 8.21 -22.62 21.10
C ASP B 277 6.94 -21.83 20.80
N ASN B 278 6.93 -20.54 21.11
CA ASN B 278 5.76 -19.72 20.79
C ASN B 278 5.56 -19.57 19.29
N ILE B 279 6.65 -19.65 18.51
CA ILE B 279 6.58 -19.44 17.08
C ILE B 279 6.13 -20.74 16.42
N ILE B 280 4.96 -20.71 15.77
CA ILE B 280 4.42 -21.89 15.09
C ILE B 280 4.03 -21.52 13.68
N CYS B 281 4.36 -20.30 13.27
CA CYS B 281 3.99 -19.77 11.96
C CYS B 281 5.19 -19.80 11.02
N GLY B 282 4.91 -19.72 9.73
CA GLY B 282 5.96 -19.74 8.74
C GLY B 282 6.77 -18.46 8.73
N ILE B 283 7.96 -18.56 8.14
CA ILE B 283 8.90 -17.46 8.02
C ILE B 283 8.89 -16.97 6.59
N THR B 284 8.83 -15.64 6.41
CA THR B 284 8.71 -15.07 5.08
C THR B 284 9.99 -14.45 4.55
N SER B 285 10.83 -13.89 5.42
CA SER B 285 12.02 -13.18 4.98
C SER B 285 13.09 -13.27 6.06
N VAL B 286 14.35 -13.28 5.63
CA VAL B 286 15.50 -13.32 6.52
C VAL B 286 16.57 -12.38 6.01
N SER B 287 17.33 -11.81 6.92
CA SER B 287 18.44 -10.94 6.56
C SER B 287 19.43 -10.89 7.71
N PHE B 288 20.65 -10.47 7.41
CA PHE B 288 21.71 -10.34 8.39
C PHE B 288 22.08 -8.87 8.59
N SER B 289 22.56 -8.55 9.78
CA SER B 289 23.17 -7.26 10.01
C SER B 289 24.53 -7.19 9.33
N LYS B 290 25.11 -5.98 9.34
CA LYS B 290 26.33 -5.75 8.56
C LYS B 290 27.47 -6.63 9.04
N SER B 291 27.61 -6.79 10.35
CA SER B 291 28.63 -7.67 10.91
C SER B 291 28.22 -9.14 10.92
N GLY B 292 26.96 -9.44 10.63
CA GLY B 292 26.48 -10.80 10.68
C GLY B 292 26.12 -11.30 12.05
N ARG B 293 26.30 -10.48 13.10
CA ARG B 293 26.00 -10.92 14.44
C ARG B 293 24.51 -11.04 14.68
N LEU B 294 23.70 -10.26 13.97
CA LEU B 294 22.25 -10.29 14.12
C LEU B 294 21.62 -10.92 12.88
N LEU B 295 20.68 -11.82 13.10
CA LEU B 295 19.87 -12.41 12.04
C LEU B 295 18.43 -11.95 12.24
N LEU B 296 17.91 -11.17 11.29
CA LEU B 296 16.55 -10.65 11.37
C LEU B 296 15.66 -11.49 10.46
N ALA B 297 14.55 -11.97 11.01
CA ALA B 297 13.64 -12.85 10.29
C ALA B 297 12.22 -12.34 10.43
N GLY B 298 11.49 -12.31 9.32
CA GLY B 298 10.09 -11.96 9.34
C GLY B 298 9.19 -13.18 9.43
N TYR B 299 8.07 -13.03 10.13
CA TYR B 299 7.21 -14.16 10.46
C TYR B 299 5.79 -13.84 10.04
N ASP B 300 4.97 -14.90 9.99
CA ASP B 300 3.55 -14.75 9.69
C ASP B 300 2.76 -14.15 10.85
N ASP B 301 3.29 -14.20 12.08
CA ASP B 301 2.57 -13.72 13.24
C ASP B 301 2.67 -12.22 13.43
N PHE B 302 2.93 -11.49 12.35
CA PHE B 302 2.94 -10.03 12.25
C PHE B 302 4.20 -9.42 12.86
N ASN B 303 5.18 -10.22 13.25
CA ASN B 303 6.34 -9.72 13.96
C ASN B 303 7.61 -10.06 13.20
N CYS B 304 8.67 -9.33 13.53
CA CYS B 304 10.02 -9.60 13.05
C CYS B 304 10.89 -9.84 14.28
N ASN B 305 11.48 -11.02 14.37
CA ASN B 305 12.31 -11.39 15.51
C ASN B 305 13.78 -11.20 15.15
N VAL B 306 14.50 -10.50 16.02
CA VAL B 306 15.93 -10.32 15.86
C VAL B 306 16.64 -11.42 16.64
N TRP B 307 17.41 -12.24 15.94
CA TRP B 307 18.11 -13.37 16.52
C TRP B 307 19.59 -13.06 16.66
N ASP B 308 20.21 -13.63 17.69
CA ASP B 308 21.66 -13.67 17.77
C ASP B 308 22.12 -14.83 16.89
N ALA B 309 22.80 -14.53 15.79
CA ALA B 309 23.17 -15.58 14.85
C ALA B 309 24.10 -16.60 15.48
N LEU B 310 25.04 -16.13 16.31
CA LEU B 310 26.02 -17.04 16.90
C LEU B 310 25.42 -17.85 18.04
N LYS B 311 24.55 -17.25 18.85
CA LYS B 311 24.07 -17.90 20.07
C LYS B 311 22.62 -18.36 20.00
N ALA B 312 21.92 -18.12 18.88
CA ALA B 312 20.54 -18.58 18.69
C ALA B 312 19.61 -18.09 19.79
N ASP B 313 19.81 -16.85 20.23
CA ASP B 313 18.94 -16.22 21.23
C ASP B 313 18.11 -15.14 20.55
N ARG B 314 16.83 -15.07 20.93
CA ARG B 314 15.98 -14.00 20.41
C ARG B 314 16.38 -12.69 21.07
N ALA B 315 17.10 -11.84 20.32
CA ALA B 315 17.62 -10.61 20.88
C ALA B 315 16.56 -9.52 21.01
N GLY B 316 15.61 -9.48 20.08
CA GLY B 316 14.59 -8.45 20.14
C GLY B 316 13.47 -8.76 19.18
N VAL B 317 12.47 -7.89 19.18
CA VAL B 317 11.28 -8.04 18.36
C VAL B 317 10.96 -6.70 17.72
N LEU B 318 10.68 -6.72 16.41
CA LEU B 318 10.14 -5.56 15.72
C LEU B 318 8.65 -5.80 15.53
N ALA B 319 7.83 -5.19 16.37
CA ALA B 319 6.38 -5.36 16.34
C ALA B 319 5.76 -4.03 15.97
N GLY B 320 5.53 -3.83 14.68
CA GLY B 320 4.93 -2.60 14.20
C GLY B 320 4.01 -2.79 13.02
N HIS B 321 3.57 -4.02 12.77
CA HIS B 321 2.74 -4.30 11.60
C HIS B 321 1.48 -5.03 12.04
N ASP B 322 0.40 -4.79 11.30
CA ASP B 322 -0.90 -5.37 11.59
C ASP B 322 -1.23 -6.55 10.68
N ASN B 323 -0.29 -6.98 9.86
CA ASN B 323 -0.47 -8.17 9.02
C ASN B 323 0.88 -8.85 8.86
N ARG B 324 0.92 -9.86 8.01
CA ARG B 324 2.13 -10.67 7.86
C ARG B 324 3.28 -9.83 7.30
N VAL B 325 4.42 -9.86 7.99
CA VAL B 325 5.63 -9.23 7.48
C VAL B 325 6.11 -10.04 6.28
N SER B 326 5.94 -9.49 5.07
CA SER B 326 6.24 -10.22 3.86
C SER B 326 7.68 -10.07 3.38
N CYS B 327 8.38 -9.02 3.80
CA CYS B 327 9.72 -8.78 3.30
C CYS B 327 10.45 -7.87 4.29
N LEU B 328 11.78 -7.96 4.26
CA LEU B 328 12.62 -7.07 5.03
C LEU B 328 14.01 -7.02 4.40
N GLY B 329 14.77 -5.99 4.77
CA GLY B 329 16.11 -5.83 4.25
C GLY B 329 16.93 -4.89 5.11
N VAL B 330 18.24 -5.16 5.15
CA VAL B 330 19.19 -4.38 5.93
C VAL B 330 20.07 -3.60 4.97
N THR B 331 20.35 -2.34 5.31
CA THR B 331 21.15 -1.48 4.45
C THR B 331 22.56 -2.02 4.31
N ASP B 332 23.25 -1.58 3.25
CA ASP B 332 24.62 -2.02 3.01
C ASP B 332 25.56 -1.52 4.10
N ASP B 333 25.33 -0.30 4.61
CA ASP B 333 26.13 0.20 5.71
C ASP B 333 25.65 -0.29 7.07
N GLY B 334 24.54 -1.02 7.12
CA GLY B 334 24.04 -1.55 8.37
C GLY B 334 23.32 -0.56 9.24
N MET B 335 22.98 0.61 8.71
CA MET B 335 22.45 1.69 9.54
C MET B 335 21.01 1.42 9.97
N ALA B 336 20.20 0.82 9.09
CA ALA B 336 18.79 0.65 9.36
C ALA B 336 18.30 -0.65 8.74
N VAL B 337 17.13 -1.09 9.18
CA VAL B 337 16.45 -2.26 8.62
C VAL B 337 15.04 -1.83 8.25
N ALA B 338 14.61 -2.20 7.05
CA ALA B 338 13.25 -1.94 6.59
C ALA B 338 12.45 -3.23 6.58
N THR B 339 11.19 -3.14 7.00
CA THR B 339 10.27 -4.27 6.95
C THR B 339 9.02 -3.87 6.19
N GLY B 340 8.65 -4.68 5.20
CA GLY B 340 7.40 -4.52 4.49
C GLY B 340 6.42 -5.57 4.95
N SER B 341 5.14 -5.29 4.81
CA SER B 341 4.13 -6.15 5.39
C SER B 341 2.86 -6.11 4.55
N TRP B 342 2.01 -7.12 4.77
CA TRP B 342 0.72 -7.18 4.11
C TRP B 342 -0.25 -6.09 4.56
N ASP B 343 0.08 -5.34 5.61
CA ASP B 343 -0.75 -4.22 6.03
C ASP B 343 -0.51 -2.97 5.20
N SER B 344 0.31 -3.08 4.15
CA SER B 344 0.56 -2.07 3.13
C SER B 344 1.50 -0.96 3.60
N PHE B 345 2.25 -1.18 4.68
CA PHE B 345 3.18 -0.19 5.19
C PHE B 345 4.59 -0.76 5.23
N LEU B 346 5.57 0.11 5.04
CA LEU B 346 6.97 -0.19 5.26
C LEU B 346 7.47 0.67 6.41
N LYS B 347 8.31 0.09 7.24
CA LYS B 347 8.84 0.79 8.39
C LYS B 347 10.35 0.64 8.42
N ILE B 348 11.04 1.71 8.81
CA ILE B 348 12.48 1.73 8.89
C ILE B 348 12.86 1.75 10.36
N TRP B 349 13.74 0.84 10.76
CA TRP B 349 14.09 0.65 12.16
C TRP B 349 15.58 0.82 12.36
N ASN B 350 15.95 1.42 13.49
CA ASN B 350 17.32 1.34 13.98
C ASN B 350 17.30 1.68 15.47
N GLY B 351 18.39 1.37 16.14
CA GLY B 351 18.50 1.58 17.57
C GLY B 351 19.02 2.96 17.93
N SER B 352 19.10 3.20 19.23
CA SER B 352 19.63 4.44 19.77
C SER B 352 20.57 4.12 20.93
N SER B 353 21.59 4.96 21.10
CA SER B 353 22.56 4.77 22.16
C SER B 353 21.92 4.99 23.53
N THR C 6 11.49 -44.46 -21.20
CA THR C 6 12.86 -44.48 -20.71
C THR C 6 13.24 -43.15 -20.08
N ALA C 7 12.23 -42.41 -19.62
CA ALA C 7 12.49 -41.13 -18.96
C ALA C 7 13.05 -41.33 -17.56
N SER C 8 12.50 -42.29 -16.81
CA SER C 8 12.96 -42.53 -15.45
C SER C 8 14.40 -43.03 -15.41
N ILE C 9 14.76 -43.94 -16.33
CA ILE C 9 16.11 -44.49 -16.32
C ILE C 9 17.13 -43.42 -16.68
N ALA C 10 16.77 -42.51 -17.60
CA ALA C 10 17.67 -41.41 -17.95
C ALA C 10 17.83 -40.44 -16.78
N GLN C 11 16.74 -40.15 -16.07
CA GLN C 11 16.81 -39.26 -14.93
C GLN C 11 17.61 -39.86 -13.78
N ALA C 12 17.53 -41.19 -13.61
CA ALA C 12 18.24 -41.84 -12.52
C ALA C 12 19.75 -41.69 -12.67
N ARG C 13 20.26 -41.81 -13.91
CA ARG C 13 21.69 -41.64 -14.12
C ARG C 13 22.16 -40.23 -13.78
N LYS C 14 21.35 -39.23 -14.14
CA LYS C 14 21.73 -37.85 -13.85
C LYS C 14 21.74 -37.57 -12.34
N LEU C 15 20.74 -38.08 -11.62
CA LEU C 15 20.70 -37.85 -10.18
C LEU C 15 21.86 -38.53 -9.47
N VAL C 16 22.21 -39.74 -9.89
CA VAL C 16 23.36 -40.44 -9.32
C VAL C 16 24.65 -39.69 -9.63
N GLU C 17 24.77 -39.20 -10.87
CA GLU C 17 25.98 -38.48 -11.26
C GLU C 17 26.15 -37.19 -10.46
N GLN C 18 25.03 -36.51 -10.16
CA GLN C 18 25.11 -35.29 -9.36
C GLN C 18 25.60 -35.59 -7.94
N LEU C 19 25.10 -36.67 -7.34
CA LEU C 19 25.51 -36.99 -5.97
C LEU C 19 26.99 -37.35 -5.89
N LYS C 20 27.57 -37.84 -6.99
CA LYS C 20 29.00 -38.10 -7.00
C LYS C 20 29.80 -36.81 -6.89
N MET C 21 29.36 -35.76 -7.58
CA MET C 21 30.06 -34.48 -7.51
C MET C 21 30.00 -33.89 -6.10
N GLU C 22 28.85 -34.01 -5.43
CA GLU C 22 28.71 -33.44 -4.10
C GLU C 22 29.49 -34.25 -3.06
N ALA C 23 29.69 -35.54 -3.30
CA ALA C 23 30.41 -36.38 -2.35
C ALA C 23 31.93 -36.26 -2.47
N ASN C 24 32.44 -35.60 -3.51
CA ASN C 24 33.87 -35.50 -3.74
C ASN C 24 34.43 -34.14 -3.35
N ILE C 25 33.67 -33.31 -2.65
CA ILE C 25 34.13 -31.99 -2.25
C ILE C 25 34.92 -32.10 -0.95
N ASP C 26 35.80 -31.14 -0.73
CA ASP C 26 36.58 -31.08 0.50
C ASP C 26 35.79 -30.38 1.58
N ARG C 27 35.66 -31.02 2.74
CA ARG C 27 34.91 -30.49 3.87
C ARG C 27 35.85 -30.21 5.03
N ILE C 28 35.76 -29.00 5.59
CA ILE C 28 36.51 -28.66 6.77
C ILE C 28 35.68 -29.01 8.00
N LYS C 29 36.33 -29.04 9.16
CA LYS C 29 35.65 -29.36 10.40
C LYS C 29 34.66 -28.26 10.75
N VAL C 30 33.60 -28.64 11.47
CA VAL C 30 32.61 -27.65 11.89
C VAL C 30 33.23 -26.64 12.84
N SER C 31 34.16 -27.09 13.69
CA SER C 31 34.84 -26.17 14.60
C SER C 31 35.61 -25.12 13.82
N LYS C 32 36.29 -25.51 12.75
CA LYS C 32 36.99 -24.54 11.91
C LYS C 32 36.00 -23.59 11.24
N ALA C 33 34.90 -24.12 10.72
CA ALA C 33 33.90 -23.26 10.09
C ALA C 33 33.20 -22.37 11.11
N ALA C 34 32.91 -22.90 12.29
CA ALA C 34 32.26 -22.09 13.32
C ALA C 34 33.17 -20.97 13.79
N ALA C 35 34.47 -21.25 13.93
CA ALA C 35 35.40 -20.23 14.40
C ALA C 35 35.50 -19.07 13.41
N ASP C 36 35.48 -19.37 12.11
CA ASP C 36 35.57 -18.31 11.12
C ASP C 36 34.37 -17.38 11.17
N LEU C 37 33.17 -17.93 11.36
CA LEU C 37 31.99 -17.10 11.49
C LEU C 37 32.07 -16.23 12.75
N MET C 38 32.52 -16.82 13.86
CA MET C 38 32.68 -16.05 15.09
C MET C 38 33.77 -14.99 14.94
N ALA C 39 34.85 -15.33 14.23
CA ALA C 39 35.94 -14.38 14.02
C ALA C 39 35.48 -13.19 13.18
N TYR C 40 34.68 -13.46 12.14
CA TYR C 40 34.21 -12.38 11.27
C TYR C 40 33.33 -11.40 12.04
N CYS C 41 32.45 -11.92 12.91
CA CYS C 41 31.60 -11.04 13.71
C CYS C 41 32.42 -10.17 14.66
N GLU C 42 33.46 -10.74 15.27
CA GLU C 42 34.27 -9.96 16.20
C GLU C 42 35.00 -8.83 15.48
N ALA C 43 35.55 -9.10 14.30
CA ALA C 43 36.34 -8.10 13.60
C ALA C 43 35.48 -6.94 13.11
N HIS C 44 34.23 -7.21 12.72
CA HIS C 44 33.35 -6.19 12.18
C HIS C 44 32.28 -5.74 13.16
N ALA C 45 32.42 -6.07 14.44
CA ALA C 45 31.39 -5.76 15.42
C ALA C 45 31.24 -4.24 15.60
N LYS C 46 32.34 -3.51 15.63
CA LYS C 46 32.29 -2.08 15.94
C LYS C 46 31.58 -1.29 14.84
N GLU C 47 31.74 -1.70 13.58
CA GLU C 47 31.12 -1.01 12.46
C GLU C 47 29.73 -1.53 12.13
N ASP C 48 29.03 -2.13 13.09
CA ASP C 48 27.67 -2.60 12.91
C ASP C 48 26.71 -1.69 13.66
N PRO C 49 26.04 -0.76 12.98
CA PRO C 49 25.14 0.17 13.71
C PRO C 49 23.98 -0.51 14.40
N LEU C 50 23.42 -1.58 13.84
CA LEU C 50 22.30 -2.25 14.48
C LEU C 50 22.75 -2.98 15.74
N LEU C 51 23.92 -3.61 15.71
CA LEU C 51 24.43 -4.28 16.89
C LEU C 51 24.85 -3.28 17.96
N THR C 52 25.62 -2.26 17.58
CA THR C 52 26.06 -1.21 18.49
C THR C 52 25.55 0.12 17.96
N PRO C 53 24.45 0.64 18.50
CA PRO C 53 23.88 1.87 17.96
C PRO C 53 24.86 3.03 17.98
N VAL C 54 24.85 3.80 16.90
CA VAL C 54 25.76 4.93 16.70
C VAL C 54 25.21 6.14 17.45
N PRO C 55 26.03 7.15 17.74
CA PRO C 55 25.51 8.38 18.34
C PRO C 55 24.50 9.04 17.41
N ALA C 56 23.55 9.75 18.02
CA ALA C 56 22.46 10.36 17.26
C ALA C 56 22.97 11.34 16.20
N SER C 57 24.13 11.94 16.43
CA SER C 57 24.68 12.87 15.45
C SER C 57 25.06 12.18 14.15
N GLU C 58 25.45 10.91 14.20
CA GLU C 58 25.89 10.19 13.01
C GLU C 58 24.79 9.32 12.42
N ASN C 59 23.58 9.39 12.95
CA ASN C 59 22.48 8.55 12.49
C ASN C 59 21.64 9.31 11.48
N PRO C 60 21.60 8.90 10.21
CA PRO C 60 20.77 9.63 9.23
C PRO C 60 19.29 9.59 9.53
N PHE C 61 18.82 8.68 10.38
CA PHE C 61 17.40 8.49 10.64
C PHE C 61 17.00 9.00 12.02
N ARG C 62 17.59 10.12 12.45
CA ARG C 62 17.26 10.75 13.74
C ARG C 62 15.75 10.91 13.93
N ASP D 1 13.99 12.51 -29.94
CA ASP D 1 15.05 13.04 -29.07
C ASP D 1 14.51 14.21 -28.27
N VAL D 2 15.19 14.55 -27.17
CA VAL D 2 14.75 15.65 -26.32
C VAL D 2 14.95 16.97 -27.05
N GLN D 3 13.89 17.76 -27.14
CA GLN D 3 13.92 19.04 -27.84
C GLN D 3 13.16 20.07 -27.04
N LEU D 4 13.64 21.32 -27.09
CA LEU D 4 12.97 22.45 -26.47
C LEU D 4 13.10 23.64 -27.41
N VAL D 5 12.00 24.01 -28.06
CA VAL D 5 11.99 25.08 -29.06
C VAL D 5 11.20 26.25 -28.50
N GLU D 6 11.85 27.42 -28.44
CA GLU D 6 11.22 28.65 -27.99
C GLU D 6 10.79 29.49 -29.19
N SER D 7 9.72 30.25 -29.00
CA SER D 7 9.22 31.10 -30.07
C SER D 7 8.48 32.30 -29.46
N GLY D 8 8.22 33.29 -30.31
CA GLY D 8 7.54 34.50 -29.90
C GLY D 8 8.42 35.72 -29.72
N GLY D 9 9.74 35.55 -29.78
CA GLY D 9 10.62 36.69 -29.64
C GLY D 9 10.68 37.55 -30.88
N GLY D 10 11.13 38.78 -30.71
CA GLY D 10 11.23 39.72 -31.80
C GLY D 10 11.27 41.14 -31.29
N LEU D 11 11.38 42.06 -32.24
CA LEU D 11 11.48 43.48 -31.90
C LEU D 11 10.13 43.99 -31.44
N VAL D 12 10.09 44.59 -30.25
CA VAL D 12 8.87 45.12 -29.67
C VAL D 12 9.11 46.56 -29.21
N GLN D 13 8.03 47.32 -29.15
CA GLN D 13 8.08 48.69 -28.67
C GLN D 13 8.15 48.72 -27.15
N PRO D 14 8.78 49.75 -26.57
CA PRO D 14 8.80 49.88 -25.11
C PRO D 14 7.39 50.00 -24.53
N GLY D 15 7.18 49.36 -23.39
CA GLY D 15 5.88 49.33 -22.77
C GLY D 15 4.89 48.37 -23.37
N GLY D 16 5.30 47.57 -24.36
CA GLY D 16 4.41 46.64 -25.02
C GLY D 16 4.34 45.31 -24.30
N SER D 17 3.67 44.35 -24.95
CA SER D 17 3.49 43.02 -24.40
C SER D 17 3.84 41.98 -25.46
N ARG D 18 4.41 40.86 -25.00
CA ARG D 18 4.79 39.78 -25.89
C ARG D 18 4.61 38.45 -25.16
N LYS D 19 4.27 37.42 -25.92
CA LYS D 19 3.98 36.10 -25.38
C LYS D 19 5.02 35.13 -25.90
N LEU D 20 5.81 34.56 -25.00
CA LEU D 20 6.82 33.58 -25.36
C LEU D 20 6.32 32.17 -25.08
N SER D 21 6.58 31.26 -26.02
CA SER D 21 6.17 29.87 -25.90
C SER D 21 7.39 28.96 -25.96
N CYS D 22 7.34 27.88 -25.21
CA CYS D 22 8.39 26.85 -25.21
C CYS D 22 7.71 25.51 -25.38
N SER D 23 7.80 24.92 -26.57
CA SER D 23 7.21 23.63 -26.85
C SER D 23 8.22 22.53 -26.58
N ALA D 24 7.80 21.53 -25.80
CA ALA D 24 8.67 20.44 -25.39
C ALA D 24 8.26 19.16 -26.10
N SER D 25 9.26 18.43 -26.61
CA SER D 25 9.04 17.16 -27.26
C SER D 25 10.18 16.21 -26.89
N GLY D 26 9.85 14.92 -26.86
CA GLY D 26 10.85 13.89 -26.61
C GLY D 26 11.12 13.57 -25.17
N PHE D 27 10.37 14.13 -24.23
CA PHE D 27 10.53 13.78 -22.82
C PHE D 27 9.22 14.07 -22.11
N ALA D 28 9.09 13.51 -20.91
CA ALA D 28 7.88 13.69 -20.11
C ALA D 28 7.80 15.10 -19.55
N PHE D 29 7.14 16.00 -20.29
CA PHE D 29 7.14 17.41 -19.92
C PHE D 29 6.47 17.64 -18.58
N SER D 30 5.38 16.93 -18.31
CA SER D 30 4.64 17.13 -17.07
C SER D 30 5.43 16.70 -15.84
N SER D 31 6.47 15.91 -16.01
CA SER D 31 7.29 15.45 -14.89
C SER D 31 8.41 16.42 -14.53
N PHE D 32 8.69 17.40 -15.38
CA PHE D 32 9.80 18.33 -15.18
C PHE D 32 9.28 19.70 -14.78
N GLY D 33 9.93 20.30 -13.79
CA GLY D 33 9.77 21.72 -13.58
C GLY D 33 10.48 22.49 -14.68
N MET D 34 9.98 23.69 -14.97
CA MET D 34 10.49 24.48 -16.08
C MET D 34 10.88 25.87 -15.62
N HIS D 35 12.01 26.35 -16.12
CA HIS D 35 12.50 27.69 -15.85
C HIS D 35 12.68 28.45 -17.15
N TRP D 36 12.52 29.76 -17.07
CA TRP D 36 12.98 30.68 -18.11
C TRP D 36 14.21 31.40 -17.58
N VAL D 37 15.31 31.33 -18.33
CA VAL D 37 16.54 32.03 -18.00
C VAL D 37 16.93 32.88 -19.19
N ARG D 38 17.22 34.15 -18.95
CA ARG D 38 17.63 35.06 -20.02
C ARG D 38 19.08 35.49 -19.82
N GLN D 39 19.66 35.98 -20.92
CA GLN D 39 21.04 36.45 -20.93
C GLN D 39 21.08 37.72 -21.77
N ALA D 40 21.35 38.85 -21.13
CA ALA D 40 21.44 40.10 -21.86
C ALA D 40 22.65 40.07 -22.79
N PRO D 41 22.58 40.76 -23.93
CA PRO D 41 23.71 40.77 -24.87
C PRO D 41 24.99 41.25 -24.21
N GLU D 42 26.06 40.49 -24.41
CA GLU D 42 27.36 40.77 -23.80
C GLU D 42 27.25 40.87 -22.28
N LYS D 43 26.42 40.02 -21.70
CA LYS D 43 26.22 39.95 -20.26
C LYS D 43 26.09 38.50 -19.85
N GLY D 44 25.94 38.27 -18.55
CA GLY D 44 25.82 36.93 -18.01
C GLY D 44 24.38 36.45 -18.01
N LEU D 45 24.19 35.26 -17.43
CA LEU D 45 22.88 34.66 -17.39
C LEU D 45 22.05 35.27 -16.26
N GLU D 46 20.74 35.36 -16.49
CA GLU D 46 19.83 35.92 -15.50
C GLU D 46 18.57 35.10 -15.44
N TRP D 47 18.27 34.55 -14.26
CA TRP D 47 17.08 33.74 -14.07
C TRP D 47 15.83 34.60 -14.03
N VAL D 48 14.77 34.14 -14.68
CA VAL D 48 13.53 34.90 -14.84
C VAL D 48 12.41 34.34 -13.98
N ALA D 49 12.06 33.07 -14.17
CA ALA D 49 10.89 32.51 -13.50
C ALA D 49 11.05 31.00 -13.38
N TYR D 50 10.19 30.41 -12.54
CA TYR D 50 10.16 28.97 -12.35
C TYR D 50 8.72 28.52 -12.10
N ILE D 51 8.30 27.45 -12.76
CA ILE D 51 7.03 26.79 -12.47
C ILE D 51 7.29 25.31 -12.22
N SER D 52 6.75 24.78 -11.12
CA SER D 52 7.04 23.41 -10.75
C SER D 52 6.17 22.43 -11.55
N SER D 53 6.52 21.15 -11.45
CA SER D 53 5.67 20.11 -11.99
C SER D 53 4.32 20.10 -11.27
N GLY D 54 3.24 20.09 -12.05
CA GLY D 54 1.92 20.22 -11.49
C GLY D 54 1.48 21.64 -11.25
N SER D 55 2.30 22.63 -11.58
CA SER D 55 1.93 24.05 -11.54
C SER D 55 1.62 24.54 -10.14
N GLY D 56 2.02 23.80 -9.11
CA GLY D 56 1.68 24.20 -7.75
C GLY D 56 2.53 25.31 -7.18
N THR D 57 3.79 25.41 -7.63
CA THR D 57 4.74 26.39 -7.10
C THR D 57 5.25 27.25 -8.23
N ILE D 58 5.23 28.57 -8.04
CA ILE D 58 5.69 29.52 -9.04
C ILE D 58 6.55 30.57 -8.35
N TYR D 59 7.73 30.83 -8.91
CA TYR D 59 8.65 31.84 -8.40
C TYR D 59 9.03 32.78 -9.53
N TYR D 60 9.29 34.03 -9.18
CA TYR D 60 9.70 35.06 -10.13
C TYR D 60 10.91 35.81 -9.61
N ALA D 61 11.69 36.34 -10.55
CA ALA D 61 12.75 37.28 -10.18
C ALA D 61 12.13 38.62 -9.81
N ASP D 62 12.80 39.33 -8.90
CA ASP D 62 12.27 40.59 -8.41
C ASP D 62 12.18 41.63 -9.53
N THR D 63 13.13 41.61 -10.46
CA THR D 63 13.14 42.61 -11.53
C THR D 63 12.00 42.43 -12.53
N VAL D 64 11.34 41.28 -12.53
CA VAL D 64 10.24 41.02 -13.46
C VAL D 64 8.94 40.66 -12.76
N LYS D 65 8.94 40.51 -11.44
CA LYS D 65 7.73 40.07 -10.74
C LYS D 65 6.63 41.10 -10.89
N GLY D 66 5.42 40.61 -11.19
CA GLY D 66 4.28 41.46 -11.45
C GLY D 66 4.04 41.81 -12.91
N ARG D 67 5.08 41.71 -13.75
CA ARG D 67 4.93 41.99 -15.17
C ARG D 67 4.95 40.73 -16.03
N PHE D 68 5.68 39.70 -15.62
CA PHE D 68 5.79 38.46 -16.36
C PHE D 68 4.91 37.40 -15.73
N THR D 69 4.29 36.56 -16.55
CA THR D 69 3.51 35.44 -16.07
C THR D 69 3.97 34.17 -16.77
N ILE D 70 4.31 33.15 -15.98
CA ILE D 70 4.79 31.88 -16.49
C ILE D 70 3.68 30.85 -16.28
N SER D 71 3.41 30.06 -17.31
CA SER D 71 2.36 29.06 -17.25
C SER D 71 2.73 27.89 -18.16
N ARG D 72 2.04 26.77 -17.95
CA ARG D 72 2.31 25.57 -18.73
C ARG D 72 0.98 24.93 -19.13
N ASP D 73 1.02 24.21 -20.25
CA ASP D 73 -0.12 23.42 -20.74
C ASP D 73 0.36 21.98 -20.88
N ASP D 74 0.12 21.17 -19.84
CA ASP D 74 0.64 19.80 -19.83
C ASP D 74 0.10 18.95 -20.98
N PRO D 75 -1.19 18.96 -21.32
CA PRO D 75 -1.64 18.14 -22.46
C PRO D 75 -0.97 18.52 -23.77
N LYS D 76 -0.67 19.80 -23.99
CA LYS D 76 -0.01 20.22 -25.22
C LYS D 76 1.51 20.25 -25.11
N ASN D 77 2.07 20.01 -23.92
CA ASN D 77 3.51 20.04 -23.71
C ASN D 77 4.11 21.37 -24.13
N THR D 78 3.46 22.47 -23.77
CA THR D 78 3.89 23.81 -24.12
C THR D 78 4.10 24.62 -22.86
N LEU D 79 5.22 25.34 -22.80
CA LEU D 79 5.52 26.27 -21.71
C LEU D 79 5.37 27.70 -22.20
N PHE D 80 4.73 28.53 -21.39
CA PHE D 80 4.40 29.89 -21.78
C PHE D 80 5.08 30.90 -20.86
N LEU D 81 5.32 32.09 -21.40
CA LEU D 81 5.79 33.24 -20.62
C LEU D 81 5.06 34.46 -21.16
N GLN D 82 4.06 34.93 -20.42
CA GLN D 82 3.31 36.12 -20.79
C GLN D 82 4.02 37.33 -20.22
N MET D 83 4.44 38.25 -21.08
CA MET D 83 5.18 39.43 -20.67
C MET D 83 4.38 40.69 -20.95
N THR D 84 4.43 41.63 -20.01
CA THR D 84 3.73 42.90 -20.13
C THR D 84 4.65 44.03 -19.67
N SER D 85 4.37 45.23 -20.18
CA SER D 85 5.12 46.44 -19.82
C SER D 85 6.62 46.26 -20.06
N LEU D 86 6.95 45.77 -21.25
CA LEU D 86 8.34 45.44 -21.57
C LEU D 86 9.20 46.70 -21.58
N ARG D 87 10.37 46.60 -20.97
CA ARG D 87 11.31 47.70 -20.86
C ARG D 87 12.54 47.43 -21.71
N SER D 88 13.37 48.47 -21.87
CA SER D 88 14.62 48.29 -22.60
C SER D 88 15.57 47.35 -21.87
N GLU D 89 15.35 47.15 -20.57
CA GLU D 89 16.13 46.20 -19.79
C GLU D 89 15.78 44.75 -20.10
N ASP D 90 14.69 44.52 -20.83
CA ASP D 90 14.24 43.16 -21.14
C ASP D 90 14.83 42.63 -22.44
N THR D 91 15.68 43.39 -23.12
CA THR D 91 16.28 42.92 -24.36
C THR D 91 17.28 41.81 -24.04
N ALA D 92 16.93 40.58 -24.38
CA ALA D 92 17.78 39.44 -24.08
C ALA D 92 17.32 38.24 -24.88
N MET D 93 18.15 37.20 -24.89
CA MET D 93 17.79 35.88 -25.41
C MET D 93 17.22 35.05 -24.27
N TYR D 94 15.99 34.57 -24.44
CA TYR D 94 15.28 33.86 -23.37
C TYR D 94 15.40 32.36 -23.62
N TYR D 95 15.94 31.64 -22.64
CA TYR D 95 16.17 30.21 -22.75
C TYR D 95 15.15 29.46 -21.92
N CYS D 96 14.69 28.34 -22.46
CA CYS D 96 13.77 27.43 -21.77
C CYS D 96 14.59 26.29 -21.18
N VAL D 97 14.49 26.10 -19.85
CA VAL D 97 15.32 25.14 -19.13
C VAL D 97 14.41 24.17 -18.40
N ARG D 98 14.64 22.89 -18.61
CA ARG D 98 13.95 21.86 -17.85
C ARG D 98 14.76 21.47 -16.63
N SER D 99 14.06 21.11 -15.56
CA SER D 99 14.74 20.68 -14.33
C SER D 99 13.78 19.83 -13.53
N ILE D 100 14.18 18.60 -13.23
CA ILE D 100 13.38 17.68 -12.44
C ILE D 100 14.05 17.51 -11.09
N TYR D 101 13.26 17.39 -10.03
CA TYR D 101 13.79 17.40 -8.67
C TYR D 101 13.32 16.16 -7.93
N TYR D 102 14.26 15.24 -7.72
CA TYR D 102 14.11 14.14 -6.78
C TYR D 102 15.52 13.79 -6.33
N TYR D 103 15.62 12.87 -5.37
CA TYR D 103 16.93 12.49 -4.86
C TYR D 103 17.81 11.95 -5.98
N GLY D 104 18.94 12.61 -6.19
CA GLY D 104 19.90 12.20 -7.21
C GLY D 104 19.63 12.73 -8.60
N SER D 105 18.62 13.58 -8.77
CA SER D 105 18.35 14.15 -10.08
C SER D 105 19.40 15.20 -10.44
N SER D 106 19.39 15.60 -11.71
CA SER D 106 20.30 16.63 -12.24
C SER D 106 19.47 17.78 -12.79
N PRO D 107 19.14 18.77 -11.97
CA PRO D 107 18.39 19.92 -12.47
C PRO D 107 19.22 20.74 -13.45
N PHE D 108 18.50 21.49 -14.30
CA PHE D 108 19.10 22.38 -15.29
C PHE D 108 19.93 21.62 -16.31
N ASP D 109 19.58 20.35 -16.55
CA ASP D 109 20.38 19.51 -17.43
C ASP D 109 20.19 19.84 -18.90
N PHE D 110 18.99 20.25 -19.30
CA PHE D 110 18.69 20.54 -20.70
C PHE D 110 18.15 21.95 -20.84
N TRP D 111 18.72 22.69 -21.79
CA TRP D 111 18.31 24.05 -22.11
C TRP D 111 17.78 24.11 -23.54
N GLY D 112 16.87 25.04 -23.79
CA GLY D 112 16.39 25.26 -25.13
C GLY D 112 17.33 26.12 -25.95
N GLN D 113 17.02 26.23 -27.24
CA GLN D 113 17.86 27.01 -28.14
C GLN D 113 17.72 28.50 -27.90
N GLY D 114 16.58 28.94 -27.38
CA GLY D 114 16.42 30.33 -27.03
C GLY D 114 15.74 31.13 -28.13
N THR D 115 15.10 32.22 -27.74
CA THR D 115 14.48 33.16 -28.65
C THR D 115 14.94 34.57 -28.31
N THR D 116 15.15 35.39 -29.33
CA THR D 116 15.73 36.71 -29.16
C THR D 116 14.63 37.75 -29.06
N LEU D 117 14.68 38.56 -28.00
CA LEU D 117 13.75 39.67 -27.79
C LEU D 117 14.54 40.97 -27.81
N THR D 118 14.12 41.91 -28.64
CA THR D 118 14.76 43.21 -28.74
C THR D 118 13.72 44.30 -28.46
N VAL D 119 14.08 45.22 -27.56
CA VAL D 119 13.21 46.33 -27.18
C VAL D 119 13.83 47.61 -27.69
N SER D 120 13.05 48.42 -28.38
CA SER D 120 13.53 49.65 -28.99
C SER D 120 13.88 50.70 -27.92
N ASP D 137 19.61 38.24 -1.74
CA ASP D 137 20.12 37.66 -2.99
C ASP D 137 21.58 37.28 -2.85
N ILE D 138 21.88 35.99 -3.04
CA ILE D 138 23.26 35.54 -3.00
C ILE D 138 23.99 36.02 -4.24
N VAL D 139 25.15 36.63 -4.04
CA VAL D 139 25.96 37.19 -5.12
C VAL D 139 27.02 36.18 -5.52
N MET D 140 27.00 35.76 -6.79
CA MET D 140 28.01 34.87 -7.34
C MET D 140 28.99 35.69 -8.16
N THR D 141 30.27 35.63 -7.82
CA THR D 141 31.29 36.47 -8.42
C THR D 141 32.31 35.63 -9.16
N GLN D 142 32.55 35.98 -10.42
CA GLN D 142 33.63 35.40 -11.23
C GLN D 142 34.49 36.57 -11.72
N ALA D 143 35.46 36.96 -10.90
CA ALA D 143 36.25 38.15 -11.20
C ALA D 143 37.04 37.98 -12.50
N THR D 144 37.62 36.80 -12.72
CA THR D 144 38.41 36.57 -13.92
C THR D 144 37.47 36.45 -15.12
N SER D 145 37.43 37.50 -15.95
CA SER D 145 36.54 37.49 -17.10
C SER D 145 37.05 36.58 -18.21
N SER D 146 38.36 36.59 -18.47
CA SER D 146 38.92 35.80 -19.55
C SER D 146 40.21 35.12 -19.10
N VAL D 147 40.49 33.97 -19.69
CA VAL D 147 41.69 33.20 -19.40
C VAL D 147 42.28 32.68 -20.72
N PRO D 148 43.49 33.08 -21.09
CA PRO D 148 44.11 32.52 -22.29
C PRO D 148 44.58 31.09 -22.03
N VAL D 149 44.16 30.17 -22.90
CA VAL D 149 44.40 28.74 -22.70
C VAL D 149 44.97 28.14 -23.98
N THR D 150 45.60 26.98 -23.82
CA THR D 150 46.14 26.18 -24.91
C THR D 150 45.65 24.75 -24.77
N PRO D 151 45.43 24.06 -25.90
CA PRO D 151 44.91 22.69 -25.83
C PRO D 151 45.85 21.76 -25.08
N GLY D 152 45.26 20.82 -24.35
CA GLY D 152 46.01 19.84 -23.61
C GLY D 152 46.51 20.29 -22.24
N GLU D 153 46.20 21.50 -21.82
CA GLU D 153 46.67 22.04 -20.56
C GLU D 153 45.51 22.16 -19.58
N SER D 154 45.81 21.95 -18.30
CA SER D 154 44.77 21.96 -17.27
C SER D 154 44.40 23.39 -16.90
N VAL D 155 43.10 23.63 -16.77
CA VAL D 155 42.57 24.96 -16.48
C VAL D 155 41.66 24.86 -15.27
N SER D 156 41.74 25.85 -14.39
CA SER D 156 40.86 25.97 -13.23
C SER D 156 40.12 27.29 -13.27
N ILE D 157 38.82 27.24 -12.99
CA ILE D 157 37.96 28.41 -12.99
C ILE D 157 37.39 28.57 -11.58
N SER D 158 37.43 29.80 -11.06
CA SER D 158 37.04 30.07 -9.69
C SER D 158 35.71 30.82 -9.64
N CYS D 159 34.91 30.50 -8.63
CA CYS D 159 33.64 31.16 -8.39
C CYS D 159 33.51 31.42 -6.89
N ARG D 160 32.85 32.52 -6.54
CA ARG D 160 32.65 32.90 -5.14
C ARG D 160 31.19 33.21 -4.90
N SER D 161 30.75 32.99 -3.66
CA SER D 161 29.38 33.25 -3.24
C SER D 161 29.36 34.05 -1.95
N SER D 162 28.39 34.95 -1.84
CA SER D 162 28.26 35.74 -0.62
C SER D 162 27.83 34.88 0.56
N LYS D 163 27.03 33.86 0.33
CA LYS D 163 26.59 32.95 1.37
C LYS D 163 27.16 31.56 1.11
N SER D 164 27.27 30.77 2.19
CA SER D 164 27.70 29.38 2.08
C SER D 164 26.61 28.57 1.39
N LEU D 165 26.98 27.89 0.31
CA LEU D 165 26.06 27.04 -0.44
C LEU D 165 25.94 25.63 0.14
N LEU D 166 26.71 25.31 1.17
CA LEU D 166 26.60 24.00 1.80
C LEU D 166 25.40 23.98 2.73
N HIS D 167 24.45 23.10 2.47
CA HIS D 167 23.28 22.96 3.31
C HIS D 167 23.53 21.94 4.41
N SER D 168 22.65 21.95 5.41
CA SER D 168 22.79 21.03 6.53
C SER D 168 22.56 19.57 6.15
N ASN D 169 22.04 19.30 4.95
CA ASN D 169 21.86 17.92 4.51
C ASN D 169 23.07 17.37 3.77
N GLY D 170 24.13 18.17 3.63
CA GLY D 170 25.35 17.73 3.00
C GLY D 170 25.51 18.15 1.55
N ASN D 171 24.44 18.58 0.89
CA ASN D 171 24.53 19.02 -0.48
C ASN D 171 25.09 20.44 -0.55
N THR D 172 25.88 20.70 -1.59
CA THR D 172 26.35 22.04 -1.91
C THR D 172 25.75 22.43 -3.26
N TYR D 173 24.75 23.30 -3.23
CA TYR D 173 23.93 23.58 -4.42
C TYR D 173 24.60 24.60 -5.32
N LEU D 174 25.67 24.16 -5.98
CA LEU D 174 26.37 24.96 -6.98
C LEU D 174 26.38 24.21 -8.30
N TYR D 175 26.08 24.93 -9.38
CA TYR D 175 25.98 24.35 -10.71
C TYR D 175 26.96 25.04 -11.64
N TRP D 176 27.48 24.27 -12.61
CA TRP D 176 28.39 24.80 -13.61
C TRP D 176 27.80 24.59 -14.99
N PHE D 177 27.81 25.63 -15.81
CA PHE D 177 27.30 25.58 -17.17
C PHE D 177 28.36 26.06 -18.13
N LEU D 178 28.31 25.54 -19.35
CA LEU D 178 29.21 25.96 -20.42
C LEU D 178 28.36 26.41 -21.60
N GLN D 179 28.58 27.64 -22.04
CA GLN D 179 27.92 28.18 -23.23
C GLN D 179 28.99 28.41 -24.29
N ARG D 180 29.11 27.46 -25.20
CA ARG D 180 30.03 27.62 -26.32
C ARG D 180 29.49 28.71 -27.26
N PRO D 181 30.37 29.39 -28.00
CA PRO D 181 29.92 30.48 -28.86
C PRO D 181 28.90 30.00 -29.89
N GLY D 182 27.72 30.63 -29.88
CA GLY D 182 26.64 30.28 -30.77
C GLY D 182 25.72 29.18 -30.27
N GLN D 183 26.00 28.59 -29.11
CA GLN D 183 25.24 27.47 -28.60
C GLN D 183 24.55 27.83 -27.29
N SER D 184 23.55 27.04 -26.94
CA SER D 184 22.85 27.18 -25.68
C SER D 184 23.71 26.65 -24.53
N PRO D 185 23.46 27.11 -23.30
CA PRO D 185 24.21 26.57 -22.17
C PRO D 185 23.96 25.08 -22.00
N GLN D 186 24.99 24.39 -21.51
CA GLN D 186 24.92 22.97 -21.22
C GLN D 186 25.39 22.74 -19.79
N LEU D 187 24.74 21.82 -19.10
CA LEU D 187 25.11 21.51 -17.73
C LEU D 187 26.41 20.69 -17.72
N LEU D 188 27.37 21.12 -16.90
CA LEU D 188 28.59 20.36 -16.68
C LEU D 188 28.60 19.70 -15.32
N ILE D 189 28.45 20.48 -14.25
CA ILE D 189 28.54 19.99 -12.88
C ILE D 189 27.29 20.44 -12.13
N TYR D 190 26.63 19.50 -11.47
CA TYR D 190 25.47 19.81 -10.65
C TYR D 190 25.74 19.43 -9.20
N ARG D 191 25.33 20.30 -8.28
CA ARG D 191 25.62 20.19 -6.86
C ARG D 191 27.12 20.09 -6.60
N MET D 192 27.89 20.89 -7.35
CA MET D 192 29.27 21.27 -7.06
C MET D 192 30.28 20.16 -7.27
N SER D 193 29.84 18.91 -7.38
CA SER D 193 30.79 17.83 -7.60
C SER D 193 30.36 16.82 -8.65
N ASN D 194 29.06 16.61 -8.86
CA ASN D 194 28.59 15.54 -9.74
C ASN D 194 28.72 15.96 -11.19
N LEU D 195 29.09 15.00 -12.03
CA LEU D 195 29.29 15.22 -13.45
C LEU D 195 28.02 14.86 -14.21
N ALA D 196 27.54 15.78 -15.05
CA ALA D 196 26.30 15.55 -15.76
C ALA D 196 26.48 14.46 -16.81
N SER D 197 25.36 13.79 -17.13
CA SER D 197 25.38 12.72 -18.11
C SER D 197 25.76 13.25 -19.48
N GLY D 198 26.66 12.55 -20.16
CA GLY D 198 27.14 12.96 -21.46
C GLY D 198 28.28 13.95 -21.46
N VAL D 199 28.84 14.26 -20.31
CA VAL D 199 29.93 15.21 -20.17
C VAL D 199 31.21 14.42 -19.95
N PRO D 200 32.31 14.73 -20.65
CA PRO D 200 33.54 13.97 -20.47
C PRO D 200 34.07 14.07 -19.05
N ASP D 201 34.72 13.00 -18.61
CA ASP D 201 35.22 12.90 -17.24
C ASP D 201 36.34 13.87 -16.94
N ARG D 202 36.91 14.54 -17.95
CA ARG D 202 37.99 15.49 -17.70
C ARG D 202 37.53 16.68 -16.87
N PHE D 203 36.25 17.06 -16.98
CA PHE D 203 35.70 18.10 -16.12
C PHE D 203 35.56 17.60 -14.69
N SER D 204 35.99 18.41 -13.73
CA SER D 204 35.86 18.07 -12.32
C SER D 204 35.56 19.34 -11.53
N GLY D 205 34.59 19.25 -10.62
CA GLY D 205 34.19 20.37 -9.79
C GLY D 205 34.62 20.15 -8.35
N SER D 206 35.33 21.14 -7.80
CA SER D 206 35.79 21.10 -6.43
C SER D 206 35.46 22.43 -5.74
N GLY D 207 35.04 22.34 -4.49
CA GLY D 207 34.70 23.55 -3.75
C GLY D 207 34.55 23.27 -2.29
N SER D 208 34.40 24.35 -1.52
CA SER D 208 34.12 24.26 -0.10
C SER D 208 33.52 25.59 0.35
N GLY D 209 32.41 25.52 1.08
CA GLY D 209 31.81 26.71 1.63
C GLY D 209 31.38 27.73 0.59
N THR D 210 32.15 28.81 0.47
CA THR D 210 31.85 29.87 -0.47
C THR D 210 32.80 29.94 -1.66
N ALA D 211 33.86 29.14 -1.67
CA ALA D 211 34.86 29.18 -2.73
C ALA D 211 34.83 27.87 -3.49
N PHE D 212 34.73 27.95 -4.82
CA PHE D 212 34.59 26.78 -5.66
C PHE D 212 35.52 26.89 -6.87
N THR D 213 35.98 25.74 -7.36
CA THR D 213 36.88 25.67 -8.49
C THR D 213 36.39 24.62 -9.48
N LEU D 214 36.38 24.96 -10.76
CA LEU D 214 36.07 24.03 -11.84
C LEU D 214 37.36 23.71 -12.58
N THR D 215 37.79 22.45 -12.52
CA THR D 215 39.04 22.02 -13.13
C THR D 215 38.75 21.28 -14.43
N ILE D 216 39.43 21.69 -15.50
CA ILE D 216 39.28 21.09 -16.82
C ILE D 216 40.63 20.51 -17.21
N SER D 217 40.81 19.20 -17.01
CA SER D 217 42.06 18.55 -17.37
C SER D 217 42.07 18.23 -18.86
N ARG D 218 43.22 18.45 -19.50
CA ARG D 218 43.41 18.17 -20.92
C ARG D 218 42.38 18.90 -21.77
N LEU D 219 42.46 20.23 -21.72
CA LEU D 219 41.51 21.08 -22.43
C LEU D 219 41.54 20.79 -23.93
N GLU D 220 40.37 20.85 -24.55
CA GLU D 220 40.20 20.61 -25.97
C GLU D 220 39.54 21.82 -26.63
N ALA D 221 39.41 21.76 -27.95
CA ALA D 221 38.83 22.87 -28.70
C ALA D 221 37.37 23.10 -28.32
N GLU D 222 36.62 22.02 -28.08
CA GLU D 222 35.20 22.16 -27.76
C GLU D 222 34.98 22.88 -26.44
N ASP D 223 35.90 22.77 -25.49
CA ASP D 223 35.73 23.40 -24.19
C ASP D 223 35.79 24.92 -24.24
N VAL D 224 36.25 25.50 -25.34
CA VAL D 224 36.30 26.95 -25.47
C VAL D 224 34.89 27.53 -25.37
N GLY D 225 34.72 28.51 -24.50
CA GLY D 225 33.43 29.15 -24.32
C GLY D 225 33.40 29.91 -23.01
N VAL D 226 32.19 30.35 -22.65
CA VAL D 226 31.96 31.07 -21.41
C VAL D 226 31.40 30.08 -20.39
N TYR D 227 31.92 30.15 -19.16
CA TYR D 227 31.52 29.27 -18.07
C TYR D 227 30.79 30.06 -17.00
N TYR D 228 29.61 29.58 -16.61
CA TYR D 228 28.78 30.23 -15.60
C TYR D 228 28.63 29.32 -14.39
N CYS D 229 28.76 29.90 -13.21
CA CYS D 229 28.44 29.23 -11.95
C CYS D 229 27.13 29.76 -11.41
N MET D 230 26.23 28.85 -11.05
CA MET D 230 24.91 29.20 -10.53
C MET D 230 24.71 28.60 -9.16
N GLN D 231 24.02 29.33 -8.29
CA GLN D 231 23.64 28.84 -6.97
C GLN D 231 22.18 28.41 -7.01
N HIS D 232 21.88 27.29 -6.35
CA HIS D 232 20.50 26.82 -6.23
C HIS D 232 20.09 26.64 -4.77
N LEU D 233 20.74 27.35 -3.85
CA LEU D 233 20.38 27.25 -2.44
C LEU D 233 18.99 27.81 -2.18
N GLU D 234 18.65 28.92 -2.82
CA GLU D 234 17.37 29.57 -2.60
C GLU D 234 17.07 30.46 -3.80
N TYR D 235 15.80 30.83 -3.92
CA TYR D 235 15.39 31.73 -4.98
C TYR D 235 15.50 33.18 -4.53
N PRO D 236 15.87 34.10 -5.42
CA PRO D 236 16.10 33.93 -6.86
C PRO D 236 17.44 33.29 -7.19
N LEU D 237 17.47 32.40 -8.18
CA LEU D 237 18.72 31.81 -8.63
C LEU D 237 19.56 32.87 -9.32
N THR D 238 20.83 32.97 -8.92
CA THR D 238 21.73 34.00 -9.44
C THR D 238 22.94 33.36 -10.09
N PHE D 239 23.41 33.97 -11.17
CA PHE D 239 24.56 33.50 -11.93
C PHE D 239 25.76 34.40 -11.67
N GLY D 240 26.95 33.84 -11.83
CA GLY D 240 28.15 34.63 -11.86
C GLY D 240 28.32 35.37 -13.17
N ALA D 241 29.29 36.29 -13.19
CA ALA D 241 29.55 37.05 -14.40
C ALA D 241 29.94 36.15 -15.55
N GLY D 242 30.74 35.13 -15.28
CA GLY D 242 31.17 34.21 -16.32
C GLY D 242 32.65 34.38 -16.63
N THR D 243 33.32 33.25 -16.84
CA THR D 243 34.74 33.22 -17.20
C THR D 243 34.87 32.64 -18.60
N LYS D 244 35.45 33.42 -19.52
CA LYS D 244 35.59 33.02 -20.90
C LYS D 244 36.98 32.42 -21.11
N LEU D 245 37.04 31.30 -21.82
CA LEU D 245 38.30 30.69 -22.23
C LEU D 245 38.51 30.97 -23.71
N GLU D 246 39.67 31.52 -24.04
CA GLU D 246 40.01 31.84 -25.42
C GLU D 246 41.40 31.34 -25.75
N LEU D 247 41.59 31.00 -27.02
CA LEU D 247 42.88 30.48 -27.49
C LEU D 247 43.80 31.63 -27.89
N TYR E 160 -36.65 9.95 48.52
CA TYR E 160 -36.26 8.95 47.53
C TYR E 160 -36.25 9.55 46.13
N ILE E 161 -37.19 10.45 45.86
CA ILE E 161 -37.27 11.08 44.55
C ILE E 161 -36.04 11.96 44.31
N ASN E 162 -35.53 12.60 45.36
CA ASN E 162 -34.36 13.47 45.24
C ASN E 162 -33.08 12.68 44.96
N ILE E 163 -33.10 11.36 45.07
CA ILE E 163 -31.93 10.54 44.83
C ILE E 163 -32.17 9.65 43.62
N ILE E 164 -33.44 9.33 43.36
CA ILE E 164 -33.77 8.46 42.24
C ILE E 164 -33.45 9.14 40.91
N MET E 165 -33.87 10.40 40.76
CA MET E 165 -33.61 11.12 39.52
C MET E 165 -32.12 11.32 39.25
N PRO E 166 -31.29 11.78 40.19
CA PRO E 166 -29.85 11.86 39.90
C PRO E 166 -29.22 10.51 39.58
N SER E 167 -29.70 9.43 40.19
CA SER E 167 -29.14 8.12 39.91
C SER E 167 -29.38 7.70 38.47
N VAL E 168 -30.59 7.96 37.95
CA VAL E 168 -30.89 7.61 36.57
C VAL E 168 -30.04 8.42 35.61
N PHE E 169 -29.96 9.74 35.83
CA PHE E 169 -29.13 10.58 34.98
C PHE E 169 -27.66 10.24 35.12
N GLY E 170 -27.21 9.96 36.34
CA GLY E 170 -25.81 9.61 36.53
C GLY E 170 -25.43 8.32 35.84
N THR E 171 -26.29 7.29 35.93
CA THR E 171 -26.01 6.03 35.28
C THR E 171 -25.99 6.18 33.76
N ILE E 172 -26.95 6.93 33.22
CA ILE E 172 -27.01 7.13 31.77
C ILE E 172 -25.79 7.92 31.29
N CYS E 173 -25.40 8.96 32.04
CA CYS E 173 -24.27 9.79 31.64
C CYS E 173 -22.98 8.98 31.60
N LEU E 174 -22.75 8.16 32.62
CA LEU E 174 -21.52 7.37 32.66
C LEU E 174 -21.53 6.26 31.61
N LEU E 175 -22.66 5.55 31.49
CA LEU E 175 -22.73 4.45 30.53
C LEU E 175 -22.63 4.95 29.09
N GLY E 176 -23.28 6.07 28.79
CA GLY E 176 -23.22 6.60 27.44
C GLY E 176 -21.83 7.03 27.02
N ILE E 177 -21.10 7.66 27.95
CA ILE E 177 -19.74 8.09 27.65
C ILE E 177 -18.84 6.90 27.36
N ILE E 178 -18.96 5.84 28.17
CA ILE E 178 -18.16 4.64 27.95
C ILE E 178 -18.47 4.02 26.59
N GLY E 179 -19.76 3.93 26.25
CA GLY E 179 -20.13 3.35 24.98
C GLY E 179 -19.64 4.16 23.79
N ASN E 180 -19.79 5.48 23.85
CA ASN E 180 -19.36 6.32 22.74
C ASN E 180 -17.85 6.38 22.63
N SER E 181 -17.14 6.35 23.76
CA SER E 181 -15.68 6.36 23.71
C SER E 181 -15.15 5.09 23.06
N THR E 182 -15.79 3.95 23.35
CA THR E 182 -15.37 2.69 22.73
C THR E 182 -15.53 2.74 21.22
N VAL E 183 -16.64 3.31 20.75
CA VAL E 183 -16.87 3.42 19.31
C VAL E 183 -15.82 4.32 18.66
N ILE E 184 -15.53 5.46 19.29
CA ILE E 184 -14.53 6.37 18.75
C ILE E 184 -13.15 5.71 18.76
N PHE E 185 -12.81 5.02 19.85
CA PHE E 185 -11.51 4.38 19.96
C PHE E 185 -11.31 3.31 18.89
N ALA E 186 -12.35 2.50 18.65
CA ALA E 186 -12.22 1.43 17.66
C ALA E 186 -12.05 1.97 16.24
N VAL E 187 -12.80 3.02 15.89
CA VAL E 187 -12.73 3.56 14.54
C VAL E 187 -11.38 4.22 14.29
N VAL E 188 -10.89 4.98 15.28
CA VAL E 188 -9.59 5.64 15.13
C VAL E 188 -8.48 4.62 14.97
N LYS E 189 -8.50 3.56 15.78
CA LYS E 189 -7.50 2.51 15.65
C LYS E 189 -7.61 1.81 14.29
N LYS E 190 -8.84 1.62 13.81
CA LYS E 190 -9.05 1.02 12.50
C LYS E 190 -8.49 1.88 11.38
N SER E 191 -8.41 3.19 11.59
CA SER E 191 -7.94 4.13 10.57
C SER E 191 -6.43 4.30 10.57
N LYS E 192 -5.70 3.59 11.44
CA LYS E 192 -4.24 3.67 11.52
C LYS E 192 -3.76 5.10 11.76
N LEU E 193 -4.48 5.82 12.63
CA LEU E 193 -4.15 7.20 12.99
C LEU E 193 -4.06 8.07 11.74
N HIS E 194 -5.12 8.04 10.94
CA HIS E 194 -5.18 8.76 9.69
C HIS E 194 -6.64 9.04 9.36
N TRP E 195 -6.86 9.94 8.41
CA TRP E 195 -8.22 10.25 7.97
C TRP E 195 -8.91 8.98 7.48
N CYS E 196 -10.15 8.79 7.91
CA CYS E 196 -10.89 7.58 7.58
C CYS E 196 -11.13 7.49 6.08
N ASN E 197 -10.89 6.31 5.52
CA ASN E 197 -11.07 6.06 4.09
C ASN E 197 -12.39 5.36 3.78
N ASN E 198 -13.26 5.19 4.77
CA ASN E 198 -14.54 4.51 4.60
C ASN E 198 -15.67 5.42 5.04
N VAL E 199 -16.69 5.56 4.19
CA VAL E 199 -17.82 6.44 4.51
C VAL E 199 -18.55 6.01 5.77
N PRO E 200 -18.91 4.73 5.96
CA PRO E 200 -19.57 4.35 7.22
C PRO E 200 -18.75 4.66 8.46
N ASP E 201 -17.42 4.61 8.36
CA ASP E 201 -16.59 4.91 9.52
C ASP E 201 -16.62 6.38 9.88
N ILE E 202 -16.84 7.26 8.90
CA ILE E 202 -16.88 8.69 9.19
C ILE E 202 -18.15 9.05 9.96
N PHE E 203 -19.28 8.49 9.56
CA PHE E 203 -20.54 8.81 10.23
C PHE E 203 -20.58 8.28 11.66
N ILE E 204 -20.07 7.07 11.88
CA ILE E 204 -20.21 6.45 13.18
C ILE E 204 -19.39 7.19 14.24
N ILE E 205 -18.21 7.68 13.88
CA ILE E 205 -17.41 8.43 14.85
C ILE E 205 -18.02 9.80 15.09
N ASN E 206 -18.54 10.45 14.05
CA ASN E 206 -19.19 11.75 14.23
C ASN E 206 -20.46 11.61 15.06
N LEU E 207 -21.22 10.53 14.86
CA LEU E 207 -22.40 10.31 15.68
C LEU E 207 -22.04 10.17 17.14
N SER E 208 -20.95 9.46 17.44
CA SER E 208 -20.52 9.32 18.83
C SER E 208 -19.98 10.63 19.38
N VAL E 209 -19.36 11.46 18.53
CA VAL E 209 -18.87 12.76 18.99
C VAL E 209 -20.01 13.65 19.44
N VAL E 210 -21.08 13.71 18.63
CA VAL E 210 -22.25 14.49 19.02
C VAL E 210 -22.90 13.91 20.26
N ASP E 211 -23.01 12.58 20.33
CA ASP E 211 -23.56 11.95 21.51
C ASP E 211 -22.70 12.25 22.73
N LEU E 212 -21.37 12.24 22.56
CA LEU E 212 -20.48 12.58 23.66
C LEU E 212 -20.70 14.02 24.12
N LEU E 213 -20.86 14.94 23.17
CA LEU E 213 -21.15 16.33 23.54
C LEU E 213 -22.51 16.45 24.22
N PHE E 214 -23.50 15.72 23.73
CA PHE E 214 -24.83 15.75 24.33
C PHE E 214 -24.83 15.15 25.73
N LEU E 215 -23.86 14.30 26.05
CA LEU E 215 -23.77 13.70 27.38
C LEU E 215 -22.87 14.49 28.32
N LEU E 216 -21.82 15.12 27.80
CA LEU E 216 -20.95 15.93 28.65
C LEU E 216 -21.69 17.13 29.23
N GLY E 217 -22.62 17.71 28.47
CA GLY E 217 -23.40 18.83 28.97
C GLY E 217 -24.56 18.47 29.87
N MET E 218 -24.79 17.17 30.08
CA MET E 218 -25.89 16.76 30.95
C MET E 218 -25.72 17.23 32.39
N PRO E 219 -24.58 17.02 33.06
CA PRO E 219 -24.47 17.48 34.46
C PRO E 219 -24.67 18.98 34.63
N PHE E 220 -24.25 19.78 33.65
CA PHE E 220 -24.46 21.22 33.72
C PHE E 220 -25.89 21.61 33.34
N MET E 221 -26.70 20.67 32.87
CA MET E 221 -28.09 20.94 32.53
C MET E 221 -29.08 20.28 33.49
N ILE E 222 -28.62 19.36 34.34
CA ILE E 222 -29.53 18.69 35.26
C ILE E 222 -29.44 19.22 36.69
N HIS E 223 -28.35 19.91 37.05
CA HIS E 223 -28.24 20.43 38.40
C HIS E 223 -29.26 21.53 38.67
N GLN E 224 -29.89 22.06 37.64
CA GLN E 224 -30.98 23.01 37.77
C GLN E 224 -32.34 22.33 37.84
N LEU E 225 -32.37 21.01 38.04
CA LEU E 225 -33.62 20.26 38.09
C LEU E 225 -33.79 19.46 39.37
N MET E 226 -32.72 18.96 39.97
CA MET E 226 -32.83 18.12 41.16
C MET E 226 -32.71 18.92 42.45
N GLY E 227 -31.62 19.66 42.60
CA GLY E 227 -31.31 20.28 43.88
C GLY E 227 -32.18 21.46 44.24
N ASN E 228 -32.05 22.57 43.50
CA ASN E 228 -32.78 23.78 43.81
C ASN E 228 -33.45 24.44 42.61
N GLY E 229 -33.09 24.07 41.39
CA GLY E 229 -33.63 24.74 40.23
C GLY E 229 -33.15 26.17 40.09
N VAL E 230 -31.88 26.42 40.38
CA VAL E 230 -31.29 27.75 40.33
C VAL E 230 -30.12 27.72 39.36
N TRP E 231 -30.08 28.69 38.45
CA TRP E 231 -28.99 28.80 37.48
C TRP E 231 -27.90 29.70 38.08
N HIS E 232 -26.73 29.12 38.30
CA HIS E 232 -25.62 29.83 38.94
C HIS E 232 -24.57 30.29 37.94
N PHE E 233 -24.84 30.17 36.64
CA PHE E 233 -23.84 30.48 35.63
C PHE E 233 -24.09 31.79 34.90
N GLY E 234 -25.17 32.50 35.21
CA GLY E 234 -25.43 33.77 34.58
C GLY E 234 -26.08 33.64 33.21
N GLU E 235 -26.38 34.78 32.62
CA GLU E 235 -27.04 34.80 31.32
C GLU E 235 -26.11 34.35 30.20
N THR E 236 -24.82 34.67 30.30
CA THR E 236 -23.89 34.33 29.22
C THR E 236 -23.81 32.83 29.01
N MET E 237 -23.70 32.06 30.10
CA MET E 237 -23.68 30.61 29.96
C MET E 237 -25.08 30.05 29.71
N CYS E 238 -26.11 30.73 30.18
CA CYS E 238 -27.48 30.26 29.96
C CYS E 238 -27.82 30.21 28.49
N THR E 239 -27.45 31.24 27.73
CA THR E 239 -27.69 31.23 26.30
C THR E 239 -26.80 30.22 25.60
N LEU E 240 -25.53 30.12 26.00
CA LEU E 240 -24.60 29.24 25.31
C LEU E 240 -24.94 27.77 25.56
N ILE E 241 -25.17 27.39 26.81
CA ILE E 241 -25.41 25.99 27.11
C ILE E 241 -26.73 25.52 26.51
N THR E 242 -27.77 26.34 26.58
CA THR E 242 -29.05 25.96 25.97
C THR E 242 -28.90 25.80 24.46
N ALA E 243 -28.16 26.71 23.82
CA ALA E 243 -27.89 26.57 22.39
C ALA E 243 -27.01 25.36 22.12
N MET E 244 -26.01 25.12 22.98
CA MET E 244 -25.15 23.96 22.81
C MET E 244 -25.93 22.67 22.98
N ASP E 245 -26.80 22.60 24.00
CA ASP E 245 -27.59 21.41 24.24
C ASP E 245 -28.58 21.17 23.11
N ALA E 246 -29.21 22.22 22.60
CA ALA E 246 -30.13 22.08 21.48
C ALA E 246 -29.41 21.63 20.22
N ASN E 247 -28.21 22.16 19.99
CA ASN E 247 -27.46 21.77 18.79
C ASN E 247 -27.11 20.29 18.81
N SER E 248 -26.69 19.77 19.97
CA SER E 248 -26.36 18.36 20.07
C SER E 248 -27.57 17.47 19.84
N GLN E 249 -28.74 17.89 20.34
CA GLN E 249 -29.96 17.13 20.10
C GLN E 249 -30.31 17.11 18.62
N PHE E 250 -30.17 18.25 17.94
CA PHE E 250 -30.47 18.30 16.51
C PHE E 250 -29.39 17.62 15.69
N THR E 251 -28.12 17.81 16.05
CA THR E 251 -27.03 17.25 15.27
C THR E 251 -27.02 15.72 15.34
N SER E 252 -27.26 15.16 16.52
CA SER E 252 -27.28 13.70 16.65
C SER E 252 -28.39 13.09 15.82
N THR E 253 -29.57 13.70 15.83
CA THR E 253 -30.66 13.19 15.01
C THR E 253 -30.36 13.36 13.52
N TYR E 254 -29.76 14.48 13.13
CA TYR E 254 -29.44 14.70 11.73
C TYR E 254 -28.36 13.73 11.23
N ILE E 255 -27.36 13.46 12.05
CA ILE E 255 -26.35 12.47 11.67
C ILE E 255 -26.98 11.09 11.56
N LEU E 256 -27.84 10.75 12.52
CA LEU E 256 -28.53 9.46 12.47
C LEU E 256 -29.43 9.36 11.26
N THR E 257 -30.13 10.44 10.90
CA THR E 257 -30.99 10.42 9.73
C THR E 257 -30.18 10.32 8.43
N ALA E 258 -29.09 11.07 8.34
CA ALA E 258 -28.26 11.00 7.13
C ALA E 258 -27.54 9.66 7.02
N MET E 259 -27.20 9.06 8.16
CA MET E 259 -26.56 7.75 8.13
C MET E 259 -27.50 6.67 7.64
N ALA E 260 -28.81 6.80 7.91
CA ALA E 260 -29.77 5.82 7.39
C ALA E 260 -29.88 5.92 5.89
N ILE E 261 -29.79 7.13 5.33
CA ILE E 261 -29.81 7.27 3.87
C ILE E 261 -28.54 6.69 3.28
N ASP E 262 -27.40 6.86 3.95
CA ASP E 262 -26.17 6.25 3.47
C ASP E 262 -26.28 4.73 3.44
N ARG E 263 -26.86 4.13 4.48
CA ARG E 263 -27.11 2.70 4.46
C ARG E 263 -28.14 2.33 3.41
N TYR E 264 -29.12 3.19 3.17
CA TYR E 264 -30.08 2.95 2.08
C TYR E 264 -29.39 2.94 0.73
N LEU E 265 -28.48 3.89 0.51
CA LEU E 265 -27.77 3.93 -0.76
C LEU E 265 -26.85 2.73 -0.94
N ALA E 266 -26.18 2.30 0.14
CA ALA E 266 -25.24 1.20 0.04
C ALA E 266 -25.90 -0.14 -0.21
N THR E 267 -27.23 -0.23 -0.06
CA THR E 267 -27.94 -1.49 -0.23
C THR E 267 -28.90 -1.47 -1.41
N VAL E 268 -29.78 -0.48 -1.49
CA VAL E 268 -30.75 -0.44 -2.57
C VAL E 268 -30.08 -0.09 -3.90
N HIS E 269 -29.01 0.72 -3.86
CA HIS E 269 -28.29 1.14 -5.06
C HIS E 269 -26.81 0.83 -4.88
N PRO E 270 -26.43 -0.45 -4.93
CA PRO E 270 -25.05 -0.82 -4.64
C PRO E 270 -24.06 -0.49 -5.74
N ILE E 271 -24.53 -0.24 -6.96
CA ILE E 271 -23.66 -0.01 -8.10
C ILE E 271 -23.48 1.47 -8.39
N SER E 272 -24.59 2.21 -8.49
CA SER E 272 -24.53 3.61 -8.87
C SER E 272 -24.07 4.52 -7.73
N SER E 273 -24.12 4.05 -6.49
CA SER E 273 -23.75 4.89 -5.35
C SER E 273 -22.24 4.97 -5.15
N THR E 274 -21.45 4.13 -5.81
CA THR E 274 -20.01 4.18 -5.64
C THR E 274 -19.40 5.46 -6.21
N LYS E 275 -20.15 6.20 -7.03
CA LYS E 275 -19.61 7.42 -7.62
C LYS E 275 -19.46 8.52 -6.59
N PHE E 276 -20.37 8.60 -5.62
CA PHE E 276 -20.36 9.70 -4.65
C PHE E 276 -20.30 9.24 -3.20
N ARG E 277 -20.12 7.94 -2.94
CA ARG E 277 -19.92 7.48 -1.57
C ARG E 277 -18.42 7.38 -1.26
N LYS E 278 -17.77 8.55 -1.37
CA LYS E 278 -16.35 8.76 -1.14
C LYS E 278 -16.13 9.39 0.23
N PRO E 279 -14.96 9.15 0.84
CA PRO E 279 -14.69 9.77 2.14
C PRO E 279 -14.74 11.29 2.13
N SER E 280 -14.31 11.91 1.03
CA SER E 280 -14.38 13.36 0.94
C SER E 280 -15.82 13.86 0.95
N VAL E 281 -16.71 13.18 0.22
CA VAL E 281 -18.11 13.58 0.19
C VAL E 281 -18.76 13.39 1.55
N ALA E 282 -18.39 12.31 2.25
CA ALA E 282 -18.93 12.07 3.59
C ALA E 282 -18.54 13.18 4.55
N THR E 283 -17.29 13.65 4.47
CA THR E 283 -16.86 14.74 5.33
C THR E 283 -17.63 16.02 5.04
N LEU E 284 -17.88 16.31 3.75
CA LEU E 284 -18.61 17.51 3.38
C LEU E 284 -20.04 17.48 3.92
N VAL E 285 -20.70 16.32 3.84
CA VAL E 285 -22.06 16.21 4.32
C VAL E 285 -22.14 16.39 5.83
N ILE E 286 -21.22 15.75 6.57
CA ILE E 286 -21.24 15.87 8.02
C ILE E 286 -20.97 17.30 8.45
N CYS E 287 -19.98 17.95 7.81
CA CYS E 287 -19.75 19.37 8.09
C CYS E 287 -20.96 20.21 7.72
N LEU E 288 -21.72 19.80 6.70
CA LEU E 288 -22.94 20.50 6.35
C LEU E 288 -24.05 20.24 7.37
N LEU E 289 -24.04 19.07 8.02
CA LEU E 289 -25.03 18.77 9.04
C LEU E 289 -24.89 19.71 10.24
N TRP E 290 -23.65 19.99 10.64
CA TRP E 290 -23.42 20.95 11.72
C TRP E 290 -23.90 22.34 11.33
N ALA E 291 -23.66 22.74 10.07
CA ALA E 291 -24.11 24.04 9.61
C ALA E 291 -25.63 24.15 9.63
N LEU E 292 -26.32 23.09 9.19
CA LEU E 292 -27.78 23.10 9.26
C LEU E 292 -28.27 23.05 10.70
N SER E 293 -27.50 22.44 11.59
CA SER E 293 -27.88 22.39 13.00
C SER E 293 -27.84 23.78 13.63
N PHE E 294 -26.82 24.58 13.31
CA PHE E 294 -26.75 25.94 13.84
C PHE E 294 -27.92 26.78 13.35
N ILE E 295 -28.27 26.64 12.07
CA ILE E 295 -29.40 27.39 11.53
C ILE E 295 -30.70 26.92 12.16
N SER E 296 -30.83 25.62 12.40
CA SER E 296 -32.06 25.08 12.98
C SER E 296 -32.25 25.51 14.43
N ILE E 297 -31.17 25.80 15.15
CA ILE E 297 -31.27 26.22 16.54
C ILE E 297 -31.24 27.74 16.67
N THR E 298 -31.47 28.47 15.57
CA THR E 298 -31.44 29.92 15.63
C THR E 298 -32.45 30.50 16.61
N PRO E 299 -33.72 30.08 16.63
CA PRO E 299 -34.63 30.60 17.66
C PRO E 299 -34.23 30.23 19.08
N VAL E 300 -33.45 29.16 19.26
CA VAL E 300 -33.12 28.71 20.61
C VAL E 300 -32.24 29.73 21.31
N TRP E 301 -31.16 30.17 20.65
CA TRP E 301 -30.23 31.11 21.29
C TRP E 301 -30.68 32.56 21.16
N LEU E 302 -31.60 32.87 20.25
CA LEU E 302 -32.14 34.21 20.16
C LEU E 302 -33.18 34.49 21.23
N TYR E 303 -33.82 33.45 21.77
CA TYR E 303 -34.83 33.59 22.80
C TYR E 303 -34.40 32.98 24.13
N ALA E 304 -33.11 32.69 24.28
CA ALA E 304 -32.58 32.13 25.52
C ALA E 304 -32.26 33.26 26.47
N ARG E 305 -33.25 33.64 27.28
CA ARG E 305 -33.09 34.71 28.26
C ARG E 305 -33.45 34.19 29.64
N LEU E 306 -32.87 34.84 30.66
CA LEU E 306 -33.13 34.43 32.03
C LEU E 306 -34.59 34.67 32.39
N ILE E 307 -35.19 33.70 33.09
CA ILE E 307 -36.58 33.76 33.50
C ILE E 307 -36.61 34.00 35.01
N PRO E 308 -37.04 35.16 35.48
CA PRO E 308 -37.09 35.41 36.93
C PRO E 308 -38.24 34.66 37.60
N PHE E 309 -37.91 33.59 38.31
CA PHE E 309 -38.90 32.83 39.04
C PHE E 309 -39.30 33.55 40.32
N PRO E 310 -40.49 33.27 40.85
CA PRO E 310 -40.90 33.90 42.11
C PRO E 310 -39.93 33.58 43.24
N GLY E 311 -39.68 34.58 44.09
CA GLY E 311 -38.72 34.44 45.15
C GLY E 311 -37.34 34.94 44.75
N GLY E 312 -36.35 34.52 45.54
CA GLY E 312 -34.97 34.89 45.32
C GLY E 312 -34.21 34.00 44.37
N ALA E 313 -34.87 33.04 43.73
CA ALA E 313 -34.23 32.08 42.84
C ALA E 313 -34.64 32.35 41.40
N VAL E 314 -33.68 32.21 40.48
CA VAL E 314 -33.92 32.36 39.06
C VAL E 314 -33.37 31.13 38.34
N GLY E 315 -33.90 30.88 37.15
CA GLY E 315 -33.53 29.70 36.40
C GLY E 315 -33.39 30.02 34.92
N CYS E 316 -32.49 29.28 34.27
CA CYS E 316 -32.26 29.44 32.84
C CYS E 316 -33.34 28.72 32.05
N GLY E 317 -33.84 29.39 31.01
CA GLY E 317 -34.88 28.81 30.19
C GLY E 317 -35.13 29.65 28.96
N ILE E 318 -36.24 29.34 28.30
CA ILE E 318 -36.66 30.04 27.08
C ILE E 318 -37.76 31.01 27.46
N ARG E 319 -37.51 32.30 27.23
CA ARG E 319 -38.45 33.37 27.56
C ARG E 319 -38.97 33.96 26.26
N LEU E 320 -40.05 33.37 25.74
CA LEU E 320 -40.61 33.83 24.49
C LEU E 320 -41.22 35.22 24.65
N PRO E 321 -41.12 36.08 23.64
CA PRO E 321 -41.74 37.41 23.75
C PRO E 321 -43.25 37.35 23.93
N ASN E 322 -43.91 36.37 23.33
CA ASN E 322 -45.36 36.19 23.44
C ASN E 322 -45.64 34.76 23.86
N PRO E 323 -45.46 34.44 25.14
CA PRO E 323 -45.66 33.05 25.59
C PRO E 323 -47.08 32.55 25.38
N ASP E 324 -48.07 33.44 25.34
CA ASP E 324 -49.44 33.01 25.12
C ASP E 324 -49.62 32.40 23.74
N THR E 325 -48.99 32.98 22.71
CA THR E 325 -49.17 32.54 21.34
C THR E 325 -47.94 31.88 20.74
N ASP E 326 -46.74 32.32 21.08
CA ASP E 326 -45.54 31.77 20.48
C ASP E 326 -45.16 30.40 21.04
N LEU E 327 -45.83 29.95 22.11
CA LEU E 327 -45.53 28.64 22.67
C LEU E 327 -45.92 27.50 21.72
N TYR E 328 -46.84 27.73 20.79
CA TYR E 328 -47.29 26.67 19.91
C TYR E 328 -46.27 26.37 18.82
N TRP E 329 -45.84 27.40 18.09
CA TRP E 329 -44.94 27.16 16.97
C TRP E 329 -43.57 26.67 17.42
N PHE E 330 -43.09 27.15 18.57
CA PHE E 330 -41.80 26.71 19.08
C PHE E 330 -41.82 25.22 19.42
N THR E 331 -42.92 24.75 20.02
CA THR E 331 -43.03 23.33 20.34
C THR E 331 -43.09 22.47 19.08
N LEU E 332 -43.88 22.88 18.09
CA LEU E 332 -44.01 22.10 16.87
C LEU E 332 -42.71 22.11 16.06
N TYR E 333 -42.00 23.24 16.06
CA TYR E 333 -40.77 23.34 15.29
C TYR E 333 -39.72 22.35 15.77
N GLN E 334 -39.59 22.20 17.10
CA GLN E 334 -38.68 21.17 17.61
C GLN E 334 -39.22 19.77 17.34
N PHE E 335 -40.54 19.60 17.44
CA PHE E 335 -41.14 18.30 17.19
C PHE E 335 -40.95 17.87 15.73
N PHE E 336 -41.13 18.81 14.80
CA PHE E 336 -41.05 18.46 13.39
C PHE E 336 -39.62 18.12 12.97
N LEU E 337 -38.65 18.97 13.34
CA LEU E 337 -37.30 18.79 12.84
C LEU E 337 -36.52 17.71 13.58
N ALA E 338 -36.80 17.50 14.87
CA ALA E 338 -36.02 16.57 15.67
C ALA E 338 -36.66 15.21 15.86
N PHE E 339 -37.99 15.11 15.82
CA PHE E 339 -38.66 13.84 16.02
C PHE E 339 -39.53 13.43 14.84
N ALA E 340 -40.37 14.33 14.32
CA ALA E 340 -41.38 13.93 13.35
C ALA E 340 -40.77 13.58 12.01
N LEU E 341 -40.16 14.56 11.35
CA LEU E 341 -39.61 14.33 10.01
C LEU E 341 -38.49 13.29 10.01
N PRO E 342 -37.47 13.36 10.88
CA PRO E 342 -36.40 12.35 10.80
C PRO E 342 -36.88 10.93 11.04
N PHE E 343 -37.86 10.72 11.90
CA PHE E 343 -38.34 9.36 12.16
C PHE E 343 -38.96 8.75 10.92
N VAL E 344 -39.71 9.54 10.15
CA VAL E 344 -40.29 9.05 8.91
C VAL E 344 -39.19 8.66 7.93
N VAL E 345 -38.15 9.49 7.82
CA VAL E 345 -37.05 9.18 6.91
C VAL E 345 -36.29 7.94 7.39
N ILE E 346 -36.00 7.86 8.68
CA ILE E 346 -35.24 6.72 9.20
C ILE E 346 -36.04 5.43 9.05
N THR E 347 -37.32 5.45 9.43
CA THR E 347 -38.14 4.25 9.34
C THR E 347 -38.31 3.82 7.89
N ALA E 348 -38.58 4.78 7.00
CA ALA E 348 -38.78 4.43 5.59
C ALA E 348 -37.49 3.89 4.97
N ALA E 349 -36.33 4.41 5.37
CA ALA E 349 -35.08 3.95 4.80
C ALA E 349 -34.82 2.50 5.16
N TYR E 350 -35.07 2.12 6.41
CA TYR E 350 -34.73 0.76 6.85
C TYR E 350 -35.72 -0.27 6.37
N VAL E 351 -37.01 0.07 6.25
CA VAL E 351 -37.96 -0.91 5.72
C VAL E 351 -37.65 -1.21 4.26
N ARG E 352 -37.20 -0.19 3.52
CA ARG E 352 -36.76 -0.42 2.16
C ARG E 352 -35.51 -1.29 2.12
N ILE E 353 -34.62 -1.15 3.10
CA ILE E 353 -33.44 -2.01 3.15
C ILE E 353 -33.84 -3.46 3.35
N LEU E 354 -34.79 -3.72 4.25
CA LEU E 354 -35.23 -5.10 4.49
C LEU E 354 -35.90 -5.69 3.25
N GLN E 355 -36.54 -4.86 2.44
CA GLN E 355 -37.19 -5.33 1.22
C GLN E 355 -36.26 -5.39 0.02
N ARG E 356 -35.03 -4.89 0.14
CA ARG E 356 -34.10 -4.84 -0.99
C ARG E 356 -32.69 -5.26 -0.58
N MET E 357 -32.57 -6.12 0.43
CA MET E 357 -31.26 -6.56 0.89
C MET E 357 -30.79 -7.84 0.21
N THR E 358 -31.70 -8.70 -0.23
CA THR E 358 -31.34 -9.93 -0.92
C THR E 358 -31.97 -9.96 -2.31
N SER E 359 -31.20 -10.43 -3.27
CA SER E 359 -31.65 -10.56 -4.65
C SER E 359 -32.28 -11.94 -4.87
N SER E 360 -32.92 -12.10 -6.03
CA SER E 360 -33.55 -13.36 -6.36
C SER E 360 -32.52 -14.48 -6.49
N VAL E 361 -31.35 -14.17 -7.07
CA VAL E 361 -30.32 -15.18 -7.26
C VAL E 361 -29.78 -15.69 -5.94
N ALA E 362 -29.84 -14.88 -4.89
CA ALA E 362 -29.31 -15.29 -3.60
C ALA E 362 -30.04 -16.52 -3.08
N PRO E 363 -29.33 -17.53 -2.60
CA PRO E 363 -30.00 -18.76 -2.14
C PRO E 363 -30.69 -18.58 -0.79
N ALA E 364 -31.94 -18.09 -0.82
CA ALA E 364 -32.68 -17.85 0.41
C ALA E 364 -32.86 -19.14 1.22
N SER E 365 -32.85 -20.29 0.55
CA SER E 365 -32.98 -21.54 1.28
C SER E 365 -31.73 -21.88 2.08
N GLN E 366 -30.59 -21.27 1.76
CA GLN E 366 -29.36 -21.52 2.49
C GLN E 366 -29.40 -20.82 3.85
N ARG E 367 -28.74 -21.44 4.83
CA ARG E 367 -28.74 -20.89 6.19
C ARG E 367 -28.01 -19.56 6.26
N SER E 368 -27.02 -19.33 5.38
CA SER E 368 -26.28 -18.07 5.42
C SER E 368 -27.17 -16.89 5.07
N ILE E 369 -28.01 -17.02 4.04
CA ILE E 369 -28.89 -15.93 3.66
C ILE E 369 -29.98 -15.71 4.70
N ARG E 370 -30.52 -16.80 5.25
CA ARG E 370 -31.52 -16.66 6.30
C ARG E 370 -30.93 -16.00 7.53
N LEU E 371 -29.66 -16.25 7.82
CA LEU E 371 -29.00 -15.59 8.93
C LEU E 371 -28.74 -14.12 8.63
N ARG E 372 -28.48 -13.78 7.36
CA ARG E 372 -28.27 -12.38 6.99
C ARG E 372 -29.53 -11.56 7.19
N THR E 373 -30.68 -12.09 6.75
CA THR E 373 -31.92 -11.34 6.88
C THR E 373 -32.34 -11.19 8.33
N LYS E 374 -32.04 -12.20 9.16
CA LYS E 374 -32.43 -12.15 10.56
C LYS E 374 -31.66 -11.06 11.31
N ARG E 375 -30.36 -10.95 11.05
CA ARG E 375 -29.56 -9.97 11.77
C ARG E 375 -29.85 -8.54 11.33
N VAL E 376 -30.04 -8.33 10.03
CA VAL E 376 -30.36 -6.99 9.54
C VAL E 376 -31.74 -6.57 10.01
N THR E 377 -32.68 -7.51 10.08
CA THR E 377 -34.02 -7.19 10.54
C THR E 377 -34.02 -6.69 11.99
N ARG E 378 -33.28 -7.38 12.86
CA ARG E 378 -33.26 -6.97 14.26
C ARG E 378 -32.34 -5.78 14.50
N THR E 379 -31.54 -5.37 13.52
CA THR E 379 -30.75 -4.15 13.66
C THR E 379 -31.49 -2.94 13.11
N ALA E 380 -32.17 -3.10 11.97
CA ALA E 380 -32.93 -1.99 11.41
C ALA E 380 -34.10 -1.60 12.29
N ILE E 381 -34.81 -2.59 12.84
CA ILE E 381 -35.95 -2.30 13.70
C ILE E 381 -35.48 -1.72 15.03
N ALA E 382 -34.40 -2.26 15.60
CA ALA E 382 -33.93 -1.79 16.89
C ALA E 382 -33.49 -0.33 16.83
N ILE E 383 -32.82 0.07 15.75
CA ILE E 383 -32.39 1.45 15.60
C ILE E 383 -33.58 2.39 15.57
N CYS E 384 -34.63 2.02 14.82
CA CYS E 384 -35.83 2.83 14.77
C CYS E 384 -36.59 2.77 16.10
N LEU E 385 -36.61 1.60 16.74
CA LEU E 385 -37.31 1.47 18.01
C LEU E 385 -36.67 2.32 19.10
N VAL E 386 -35.35 2.31 19.19
CA VAL E 386 -34.66 3.11 20.21
C VAL E 386 -34.90 4.60 19.98
N PHE E 387 -34.83 5.04 18.72
CA PHE E 387 -35.04 6.44 18.40
C PHE E 387 -36.44 6.90 18.75
N PHE E 388 -37.45 6.05 18.48
CA PHE E 388 -38.83 6.43 18.77
C PHE E 388 -39.09 6.47 20.27
N VAL E 389 -38.66 5.43 20.99
CA VAL E 389 -38.98 5.33 22.41
C VAL E 389 -38.25 6.41 23.21
N CYS E 390 -36.99 6.70 22.85
CA CYS E 390 -36.22 7.66 23.62
C CYS E 390 -36.67 9.10 23.43
N TRP E 391 -37.55 9.40 22.49
CA TRP E 391 -37.95 10.78 22.23
C TRP E 391 -39.45 11.01 22.17
N ALA E 392 -40.26 9.99 21.90
CA ALA E 392 -41.71 10.22 21.79
C ALA E 392 -42.33 10.71 23.10
N PRO E 393 -42.11 10.08 24.25
CA PRO E 393 -42.74 10.60 25.49
C PRO E 393 -42.28 12.01 25.83
N TYR E 394 -41.05 12.36 25.51
CA TYR E 394 -40.58 13.73 25.75
C TYR E 394 -41.37 14.73 24.92
N TYR E 395 -41.67 14.39 23.68
CA TYR E 395 -42.43 15.28 22.81
C TYR E 395 -43.93 15.09 22.93
N VAL E 396 -44.39 13.93 23.40
CA VAL E 396 -45.82 13.76 23.69
C VAL E 396 -46.23 14.66 24.84
N LEU E 397 -45.43 14.66 25.92
CA LEU E 397 -45.68 15.59 27.00
C LEU E 397 -45.44 17.03 26.58
N GLN E 398 -44.51 17.25 25.66
CA GLN E 398 -44.28 18.59 25.14
C GLN E 398 -45.52 19.12 24.43
N LEU E 399 -46.19 18.25 23.67
CA LEU E 399 -47.47 18.62 23.08
C LEU E 399 -48.61 18.58 24.09
N THR E 400 -48.55 17.68 25.07
CA THR E 400 -49.61 17.60 26.07
C THR E 400 -49.65 18.83 26.95
N GLN E 401 -48.48 19.37 27.30
CA GLN E 401 -48.44 20.54 28.19
C GLN E 401 -48.99 21.79 27.53
N LEU E 402 -49.24 21.78 26.21
CA LEU E 402 -49.89 22.91 25.57
C LEU E 402 -51.30 23.11 26.12
N SER E 403 -52.07 22.03 26.25
CA SER E 403 -53.40 22.12 26.82
C SER E 403 -53.37 22.27 28.33
N ILE E 404 -52.40 21.63 28.99
CA ILE E 404 -52.31 21.67 30.45
C ILE E 404 -51.74 23.01 30.88
N SER E 405 -52.42 23.67 31.82
CA SER E 405 -51.98 24.96 32.32
C SER E 405 -51.23 24.87 33.65
N ARG E 406 -51.71 24.04 34.58
CA ARG E 406 -51.07 23.87 35.88
C ARG E 406 -50.57 22.44 36.03
N PRO E 407 -49.28 22.19 35.83
CA PRO E 407 -48.77 20.82 35.99
C PRO E 407 -48.83 20.36 37.43
N THR E 408 -48.99 19.05 37.59
CA THR E 408 -49.03 18.41 38.91
C THR E 408 -47.70 17.72 39.20
N LEU E 409 -47.59 17.15 40.40
CA LEU E 409 -46.36 16.49 40.80
C LEU E 409 -46.05 15.30 39.91
N THR E 410 -47.06 14.50 39.57
CA THR E 410 -46.84 13.37 38.69
C THR E 410 -46.41 13.82 37.30
N PHE E 411 -47.02 14.90 36.79
CA PHE E 411 -46.64 15.40 35.48
C PHE E 411 -45.21 15.90 35.49
N VAL E 412 -44.78 16.57 36.56
CA VAL E 412 -43.41 17.04 36.67
C VAL E 412 -42.44 15.85 36.68
N TYR E 413 -42.79 14.80 37.46
CA TYR E 413 -41.93 13.62 37.51
C TYR E 413 -41.84 12.94 36.15
N LEU E 414 -42.96 12.83 35.43
CA LEU E 414 -42.94 12.21 34.10
C LEU E 414 -42.11 13.04 33.14
N TYR E 415 -42.23 14.36 33.19
CA TYR E 415 -41.46 15.21 32.29
C TYR E 415 -39.96 15.06 32.54
N ASN E 416 -39.55 15.03 33.81
CA ASN E 416 -38.15 14.80 34.14
C ASN E 416 -37.70 13.41 33.71
N ALA E 417 -38.55 12.41 33.88
CA ALA E 417 -38.23 11.07 33.39
C ALA E 417 -38.11 11.08 31.86
N ALA E 418 -38.95 11.86 31.19
CA ALA E 418 -38.84 11.98 29.73
C ALA E 418 -37.52 12.61 29.33
N ILE E 419 -36.98 13.51 30.14
CA ILE E 419 -35.67 14.10 29.86
C ILE E 419 -34.59 13.02 29.91
N SER E 420 -34.66 12.12 30.89
CA SER E 420 -33.69 11.05 30.99
C SER E 420 -33.72 10.14 29.77
N LEU E 421 -34.91 9.84 29.26
CA LEU E 421 -35.02 9.03 28.06
C LEU E 421 -34.39 9.72 26.86
N GLY E 422 -34.54 11.05 26.78
CA GLY E 422 -33.90 11.78 25.70
C GLY E 422 -32.39 11.67 25.73
N TYR E 423 -31.80 11.77 26.92
CA TYR E 423 -30.35 11.56 27.03
C TYR E 423 -29.99 10.10 26.90
N ALA E 424 -30.95 9.18 27.09
CA ALA E 424 -30.68 7.77 26.90
C ALA E 424 -30.53 7.40 25.44
N ASN E 425 -31.03 8.25 24.53
CA ASN E 425 -30.84 8.00 23.10
C ASN E 425 -29.37 7.99 22.73
N SER E 426 -28.62 8.96 23.25
CA SER E 426 -27.18 9.00 23.01
C SER E 426 -26.43 7.94 23.80
N CYS E 427 -27.09 7.30 24.76
CA CYS E 427 -26.46 6.24 25.54
C CYS E 427 -26.60 4.88 24.88
N LEU E 428 -27.71 4.62 24.20
CA LEU E 428 -27.95 3.32 23.60
C LEU E 428 -27.49 3.24 22.15
N ASN E 429 -27.32 4.37 21.46
CA ASN E 429 -26.85 4.32 20.08
C ASN E 429 -25.48 3.66 19.94
N PRO E 430 -24.45 4.02 20.73
CA PRO E 430 -23.18 3.27 20.61
C PRO E 430 -23.32 1.81 20.98
N PHE E 431 -24.18 1.46 21.93
CA PHE E 431 -24.33 0.08 22.32
C PHE E 431 -25.06 -0.75 21.28
N VAL E 432 -26.00 -0.14 20.55
CA VAL E 432 -26.66 -0.86 19.47
C VAL E 432 -25.66 -1.22 18.38
N TYR E 433 -24.77 -0.30 18.04
CA TYR E 433 -23.75 -0.58 17.03
C TYR E 433 -22.80 -1.65 17.49
N ILE E 434 -22.41 -1.63 18.78
CA ILE E 434 -21.46 -2.60 19.29
C ILE E 434 -22.08 -3.99 19.37
N VAL E 435 -23.31 -4.08 19.88
CA VAL E 435 -23.91 -5.38 20.15
C VAL E 435 -24.46 -6.01 18.89
N LEU E 436 -25.21 -5.24 18.10
CA LEU E 436 -25.94 -5.81 16.96
C LEU E 436 -25.08 -5.96 15.71
N CYS E 437 -23.84 -5.47 15.71
CA CYS E 437 -22.95 -5.63 14.56
C CYS E 437 -21.84 -6.60 14.96
N GLU E 438 -22.01 -7.87 14.58
CA GLU E 438 -20.99 -8.87 14.88
C GLU E 438 -19.66 -8.54 14.21
N THR E 439 -19.71 -7.97 13.01
CA THR E 439 -18.48 -7.62 12.30
C THR E 439 -17.66 -6.61 13.08
N PHE E 440 -18.32 -5.57 13.60
CA PHE E 440 -17.62 -4.60 14.44
C PHE E 440 -17.21 -5.21 15.77
N ARG E 441 -18.05 -6.10 16.31
CA ARG E 441 -17.74 -6.72 17.60
C ARG E 441 -16.46 -7.55 17.50
N LYS E 442 -16.31 -8.33 16.44
CA LYS E 442 -15.10 -9.12 16.25
C LYS E 442 -13.89 -8.23 16.05
N ARG E 443 -14.03 -7.14 15.29
CA ARG E 443 -12.91 -6.23 15.07
C ARG E 443 -12.49 -5.55 16.37
N LEU E 444 -13.46 -5.20 17.22
CA LEU E 444 -13.12 -4.62 18.52
C LEU E 444 -12.34 -5.62 19.36
N VAL E 445 -12.76 -6.88 19.36
CA VAL E 445 -12.01 -7.91 20.06
C VAL E 445 -10.64 -8.10 19.42
N LEU E 446 -10.58 -8.08 18.09
CA LEU E 446 -9.30 -8.20 17.40
C LEU E 446 -8.38 -7.03 17.72
N SER E 447 -8.94 -5.82 17.78
CA SER E 447 -8.12 -4.66 18.13
C SER E 447 -7.64 -4.72 19.56
N VAL E 448 -8.44 -5.30 20.45
CA VAL E 448 -8.04 -5.44 21.86
C VAL E 448 -7.40 -6.79 22.09
#